data_3SCS
#
_entry.id   3SCS
#
_cell.length_a   80.128
_cell.length_b   100.860
_cell.length_c   127.004
_cell.angle_alpha   90.00
_cell.angle_beta   90.00
_cell.angle_gamma   90.00
#
_symmetry.space_group_name_H-M   'P 21 21 21'
#
loop_
_entity.id
_entity.type
_entity.pdbx_description
1 polymer 'Beta-glucosidase 7'
2 non-polymer 'ZINC ION'
3 non-polymer 'SULFATE ION'
4 non-polymer '2-(N-MORPHOLINO)-ETHANESULFONIC ACID'
5 non-polymer GLYCEROL
6 non-polymer 'alpha-D-glucopyranosyl fluoride'
7 water water
#
_entity_poly.entity_id   1
_entity_poly.type   'polypeptide(L)'
_entity_poly.pdbx_seq_one_letter_code
;AMADVVPKPNWLGGLSRAAFPKRFVFGTVTSAYQVEGMAASGGRGPSIWDAFAHTPGNVAGNQNGDVATDQYHRYKEDVN
LMKSLNFDAYRFSISWSRIFPDGEGRVNQEGVAYYNNLINYLLQKGITPYVNLYHYDLPLALEKKYGGWLNAKMADLFTE
YADFCFKTFGNRVKHWFTFNEPRIVALLGYDQGTNPPKRCTKCAAGGNSATEPYIVAHNFLLSHAAAVARYRTKYQAAQQ
GKVGIVLDFNWYEALSNSTEDQAAAQRARDFHIGWYLDPLINGHYPQIMQDLVKDRLPKFTPEQARLVKGSADYIGINQY
TASYMKGQQLMQQTPTSYSADWQVTYVFAKNGKPIGPQANSNWLYIVPWGMYGCVNYIKQKYGNPTVVITSNGMDQPANL
SRDQYLRDTTRVHFYRSYLTQLKKAIDEGANVAGYFAWSLLDNFEWLSGYTSKFGIVYVDFNTLERHPKASAYWFRDMLK
H
;
_entity_poly.pdbx_strand_id   A,B
#
loop_
_chem_comp.id
_chem_comp.type
_chem_comp.name
_chem_comp.formula
GLF D-saccharide 'alpha-D-glucopyranosyl fluoride' 'C6 H11 F O5'
GOL non-polymer GLYCEROL 'C3 H8 O3'
MES non-polymer '2-(N-MORPHOLINO)-ETHANESULFONIC ACID' 'C6 H13 N O4 S'
SO4 non-polymer 'SULFATE ION' 'O4 S -2'
ZN non-polymer 'ZINC ION' 'Zn 2'
#
# COMPACT_ATOMS: atom_id res chain seq x y z
N ASN A 10 -32.36 -9.57 -23.24
CA ASN A 10 -31.56 -8.45 -22.73
C ASN A 10 -30.54 -9.07 -21.80
N TRP A 11 -29.40 -8.40 -21.60
CA TRP A 11 -28.24 -9.02 -20.95
C TRP A 11 -28.44 -9.30 -19.45
N LEU A 12 -29.40 -8.61 -18.85
CA LEU A 12 -29.83 -8.91 -17.47
C LEU A 12 -30.73 -10.14 -17.40
N GLY A 13 -31.31 -10.53 -18.54
CA GLY A 13 -32.19 -11.72 -18.60
C GLY A 13 -33.35 -11.64 -17.62
N GLY A 14 -33.96 -10.46 -17.57
CA GLY A 14 -35.13 -10.22 -16.73
C GLY A 14 -34.82 -10.01 -15.26
N LEU A 15 -33.53 -9.99 -14.90
CA LEU A 15 -33.14 -9.79 -13.50
C LEU A 15 -32.98 -8.31 -13.15
N SER A 16 -33.33 -8.00 -11.91
CA SER A 16 -33.27 -6.64 -11.35
C SER A 16 -33.64 -6.80 -9.88
N ARG A 17 -33.55 -5.72 -9.12
CA ARG A 17 -33.98 -5.81 -7.73
C ARG A 17 -35.44 -6.22 -7.58
N ALA A 18 -36.26 -5.84 -8.56
CA ALA A 18 -37.69 -6.16 -8.56
C ALA A 18 -37.93 -7.67 -8.68
N ALA A 19 -36.94 -8.39 -9.20
CA ALA A 19 -37.05 -9.84 -9.38
C ALA A 19 -36.71 -10.62 -8.11
N PHE A 20 -36.28 -9.91 -7.07
CA PHE A 20 -35.97 -10.53 -5.77
C PHE A 20 -36.85 -9.94 -4.67
N PRO A 21 -36.97 -10.63 -3.52
CA PRO A 21 -37.79 -10.10 -2.42
C PRO A 21 -37.39 -8.71 -1.99
N LYS A 22 -38.35 -7.97 -1.45
CA LYS A 22 -38.09 -6.65 -0.90
C LYS A 22 -37.03 -6.77 0.18
N ARG A 23 -36.08 -5.85 0.19
CA ARG A 23 -35.03 -5.82 1.21
C ARG A 23 -33.99 -6.95 1.04
N PHE A 24 -34.07 -7.71 -0.05
CA PHE A 24 -33.03 -8.71 -0.35
C PHE A 24 -31.67 -8.03 -0.46
N VAL A 25 -30.67 -8.62 0.19
CA VAL A 25 -29.33 -8.01 0.29
C VAL A 25 -28.39 -8.55 -0.80
N PHE A 26 -27.78 -7.65 -1.57
CA PHE A 26 -26.74 -8.04 -2.53
C PHE A 26 -25.40 -7.50 -2.09
N GLY A 27 -24.36 -8.33 -2.11
CA GLY A 27 -23.05 -7.82 -1.71
C GLY A 27 -21.92 -8.49 -2.48
N THR A 28 -20.69 -8.12 -2.16
CA THR A 28 -19.49 -8.81 -2.67
C THR A 28 -18.71 -9.28 -1.44
N VAL A 29 -17.72 -10.14 -1.68
CA VAL A 29 -17.01 -10.83 -0.58
C VAL A 29 -15.52 -10.83 -0.83
N THR A 30 -14.76 -10.73 0.26
CA THR A 30 -13.33 -10.98 0.25
C THR A 30 -13.01 -11.71 1.56
N SER A 31 -11.75 -12.09 1.76
CA SER A 31 -11.30 -12.52 3.09
C SER A 31 -9.98 -11.81 3.37
N ALA A 32 -9.60 -11.75 4.65
CA ALA A 32 -8.49 -10.93 5.10
C ALA A 32 -7.17 -11.28 4.42
N TYR A 33 -6.74 -12.54 4.58
CA TYR A 33 -5.45 -12.92 3.98
C TYR A 33 -5.44 -12.80 2.46
N GLN A 34 -6.58 -12.99 1.85
CA GLN A 34 -6.64 -12.99 0.39
C GLN A 34 -6.56 -11.60 -0.22
N VAL A 35 -6.95 -10.56 0.52
CA VAL A 35 -6.92 -9.20 -0.04
C VAL A 35 -6.15 -8.13 0.74
N GLU A 36 -5.97 -8.29 2.06
CA GLU A 36 -5.46 -7.14 2.84
C GLU A 36 -4.04 -6.71 2.49
N GLY A 37 -3.16 -7.70 2.34
CA GLY A 37 -1.73 -7.45 2.39
C GLY A 37 -1.34 -6.98 3.79
N MET A 38 -0.25 -6.23 3.87
CA MET A 38 0.36 -5.87 5.16
C MET A 38 0.42 -7.07 6.13
N ALA A 39 0.84 -8.22 5.60
CA ALA A 39 0.76 -9.47 6.37
C ALA A 39 1.69 -9.46 7.58
N ALA A 40 2.82 -8.76 7.44
CA ALA A 40 3.82 -8.70 8.51
C ALA A 40 4.08 -7.23 8.84
N SER A 41 3.04 -6.41 8.70
CA SER A 41 3.16 -5.01 9.02
C SER A 41 1.92 -4.57 9.81
N GLY A 42 1.95 -3.34 10.32
CA GLY A 42 0.85 -2.84 11.14
C GLY A 42 0.62 -3.65 12.41
N GLY A 43 1.67 -4.31 12.89
CA GLY A 43 1.57 -5.13 14.12
C GLY A 43 1.01 -6.54 13.95
N ARG A 44 0.66 -6.93 12.73
CA ARG A 44 0.02 -8.25 12.53
C ARG A 44 1.00 -9.40 12.82
N GLY A 45 0.55 -10.39 13.58
CA GLY A 45 1.32 -11.62 13.76
C GLY A 45 1.03 -12.62 12.64
N PRO A 46 1.92 -13.61 12.46
CA PRO A 46 1.68 -14.57 11.38
C PRO A 46 0.52 -15.52 11.65
N SER A 47 -0.19 -15.89 10.58
CA SER A 47 -1.16 -16.98 10.64
C SER A 47 -0.50 -18.25 10.10
N ILE A 48 -1.20 -19.37 10.25
CA ILE A 48 -0.71 -20.62 9.66
C ILE A 48 -0.54 -20.50 8.16
N TRP A 49 -1.31 -19.63 7.51
CA TRP A 49 -1.17 -19.41 6.06
C TRP A 49 0.08 -18.62 5.67
N ASP A 50 0.53 -17.73 6.54
CA ASP A 50 1.77 -17.01 6.32
C ASP A 50 2.93 -18.00 6.26
N ALA A 51 2.99 -18.88 7.27
CA ALA A 51 4.02 -19.92 7.30
C ALA A 51 3.93 -20.87 6.09
N PHE A 52 2.74 -21.34 5.79
CA PHE A 52 2.54 -22.28 4.69
C PHE A 52 2.93 -21.63 3.36
N ALA A 53 2.50 -20.40 3.14
CA ALA A 53 2.71 -19.75 1.84
C ALA A 53 4.19 -19.35 1.60
N HIS A 54 4.91 -19.13 2.69
CA HIS A 54 6.36 -18.81 2.60
C HIS A 54 7.27 -20.04 2.45
N THR A 55 6.69 -21.23 2.47
CA THR A 55 7.49 -22.43 2.23
C THR A 55 7.53 -22.70 0.72
N PRO A 56 8.75 -22.73 0.13
CA PRO A 56 8.87 -22.94 -1.31
C PRO A 56 8.14 -24.20 -1.76
N GLY A 57 7.41 -24.09 -2.87
CA GLY A 57 6.63 -25.19 -3.43
C GLY A 57 5.18 -25.28 -2.96
N ASN A 58 4.80 -24.56 -1.92
CA ASN A 58 3.46 -24.73 -1.36
C ASN A 58 2.39 -24.05 -2.18
N VAL A 59 2.75 -22.93 -2.80
CA VAL A 59 1.77 -22.13 -3.54
C VAL A 59 2.32 -21.94 -4.94
N ALA A 60 1.43 -21.89 -5.94
CA ALA A 60 1.84 -21.54 -7.32
C ALA A 60 2.77 -20.34 -7.38
N GLY A 61 3.89 -20.47 -8.09
CA GLY A 61 4.87 -19.38 -8.22
C GLY A 61 5.60 -19.00 -6.92
N ASN A 62 5.50 -19.84 -5.89
CA ASN A 62 5.94 -19.47 -4.53
C ASN A 62 5.37 -18.12 -4.07
N GLN A 63 4.12 -17.86 -4.45
CA GLN A 63 3.50 -16.60 -4.12
C GLN A 63 2.89 -16.64 -2.74
N ASN A 64 2.54 -15.47 -2.24
CA ASN A 64 2.02 -15.37 -0.88
C ASN A 64 1.14 -14.14 -0.74
N GLY A 65 0.53 -13.96 0.43
CA GLY A 65 -0.35 -12.82 0.66
C GLY A 65 0.30 -11.64 1.34
N ASP A 66 1.64 -11.55 1.29
CA ASP A 66 2.34 -10.42 1.91
C ASP A 66 1.75 -9.08 1.51
N VAL A 67 1.50 -8.92 0.21
CA VAL A 67 0.93 -7.66 -0.31
C VAL A 67 -0.50 -7.86 -0.83
N ALA A 68 -0.74 -8.99 -1.49
CA ALA A 68 -2.08 -9.32 -2.00
C ALA A 68 -2.63 -8.14 -2.82
N THR A 69 -3.85 -7.68 -2.57
CA THR A 69 -4.40 -6.51 -3.29
C THR A 69 -4.08 -5.18 -2.58
N ASP A 70 -3.42 -5.26 -1.41
CA ASP A 70 -3.10 -4.09 -0.57
C ASP A 70 -4.38 -3.34 -0.19
N GLN A 71 -5.45 -4.07 0.07
CA GLN A 71 -6.70 -3.40 0.44
C GLN A 71 -6.48 -2.62 1.73
N TYR A 72 -5.49 -3.04 2.52
CA TYR A 72 -5.16 -2.36 3.79
C TYR A 72 -4.94 -0.85 3.56
N HIS A 73 -4.27 -0.49 2.46
CA HIS A 73 -4.01 0.91 2.18
C HIS A 73 -5.07 1.53 1.28
N ARG A 74 -5.80 0.72 0.54
CA ARG A 74 -6.69 1.24 -0.51
C ARG A 74 -8.16 1.01 -0.20
N TYR A 75 -8.51 0.71 1.06
CA TYR A 75 -9.89 0.26 1.34
C TYR A 75 -10.95 1.29 0.94
N LYS A 76 -10.63 2.58 1.03
CA LYS A 76 -11.60 3.60 0.63
C LYS A 76 -11.84 3.59 -0.87
N GLU A 77 -10.80 3.33 -1.66
CA GLU A 77 -11.02 3.12 -3.10
C GLU A 77 -11.99 1.95 -3.35
N ASP A 78 -11.75 0.83 -2.66
CA ASP A 78 -12.54 -0.38 -2.90
C ASP A 78 -13.98 -0.20 -2.41
N VAL A 79 -14.19 0.50 -1.29
CA VAL A 79 -15.56 0.80 -0.82
C VAL A 79 -16.27 1.76 -1.79
N ASN A 80 -15.56 2.75 -2.31
CA ASN A 80 -16.16 3.65 -3.30
C ASN A 80 -16.64 2.86 -4.51
N LEU A 81 -15.82 1.89 -4.91
CA LEU A 81 -16.10 1.07 -6.07
C LEU A 81 -17.35 0.21 -5.84
N MET A 82 -17.43 -0.45 -4.68
CA MET A 82 -18.59 -1.29 -4.42
C MET A 82 -19.89 -0.46 -4.35
N LYS A 83 -19.79 0.76 -3.82
CA LYS A 83 -20.96 1.63 -3.81
C LYS A 83 -21.36 2.02 -5.24
N SER A 84 -20.36 2.36 -6.06
CA SER A 84 -20.62 2.76 -7.46
C SER A 84 -21.31 1.64 -8.27
N LEU A 85 -21.12 0.41 -7.82
CA LEU A 85 -21.67 -0.76 -8.48
C LEU A 85 -23.01 -1.18 -7.89
N ASN A 86 -23.55 -0.36 -6.97
CA ASN A 86 -24.89 -0.55 -6.42
C ASN A 86 -25.09 -1.72 -5.45
N PHE A 87 -24.00 -2.19 -4.84
CA PHE A 87 -24.14 -3.24 -3.82
C PHE A 87 -24.61 -2.63 -2.52
N ASP A 88 -25.29 -3.45 -1.69
CA ASP A 88 -25.84 -3.03 -0.40
C ASP A 88 -24.93 -3.37 0.76
N ALA A 89 -23.99 -4.30 0.53
CA ALA A 89 -23.30 -4.94 1.65
C ALA A 89 -21.94 -5.47 1.25
N TYR A 90 -21.09 -5.69 2.25
CA TYR A 90 -19.75 -6.17 2.00
C TYR A 90 -19.41 -7.20 3.06
N ARG A 91 -19.16 -8.41 2.62
CA ARG A 91 -18.69 -9.45 3.53
C ARG A 91 -17.17 -9.48 3.49
N PHE A 92 -16.55 -9.28 4.64
CA PHE A 92 -15.10 -9.37 4.74
C PHE A 92 -14.78 -10.07 6.05
N SER A 93 -13.51 -10.42 6.27
CA SER A 93 -13.14 -11.04 7.54
C SER A 93 -12.15 -10.21 8.32
N ILE A 94 -12.14 -10.44 9.62
CA ILE A 94 -11.16 -9.84 10.51
C ILE A 94 -10.08 -10.89 10.70
N SER A 95 -8.82 -10.47 10.50
CA SER A 95 -7.69 -11.36 10.74
C SER A 95 -7.42 -11.45 12.24
N TRP A 96 -7.60 -12.64 12.79
CA TRP A 96 -7.41 -12.88 14.22
C TRP A 96 -6.03 -12.41 14.65
N SER A 97 -5.00 -12.72 13.87
CA SER A 97 -3.63 -12.36 14.28
C SER A 97 -3.28 -10.89 14.04
N ARG A 98 -4.11 -10.16 13.30
CA ARG A 98 -3.96 -8.70 13.21
C ARG A 98 -4.48 -8.03 14.49
N ILE A 99 -5.50 -8.62 15.11
CA ILE A 99 -6.00 -8.14 16.40
C ILE A 99 -5.18 -8.64 17.59
N PHE A 100 -4.92 -9.96 17.63
CA PHE A 100 -4.13 -10.58 18.69
C PHE A 100 -2.96 -11.28 18.00
N PRO A 101 -1.78 -10.62 17.91
CA PRO A 101 -0.71 -11.28 17.16
C PRO A 101 -0.33 -12.69 17.62
N ASP A 102 -0.52 -12.98 18.92
CA ASP A 102 -0.27 -14.32 19.48
C ASP A 102 -1.55 -15.11 19.67
N GLY A 103 -2.66 -14.56 19.19
CA GLY A 103 -3.96 -15.24 19.25
C GLY A 103 -4.68 -15.12 20.58
N GLU A 104 -3.98 -14.58 21.58
CA GLU A 104 -4.45 -14.42 22.96
C GLU A 104 -3.58 -13.32 23.59
N GLY A 105 -4.03 -12.71 24.69
CA GLY A 105 -3.21 -11.72 25.39
C GLY A 105 -3.21 -10.32 24.77
N ARG A 106 -2.04 -9.86 24.33
CA ARG A 106 -1.85 -8.46 23.94
C ARG A 106 -2.66 -8.10 22.68
N VAL A 107 -3.37 -6.99 22.76
CA VAL A 107 -4.15 -6.45 21.61
C VAL A 107 -3.23 -5.53 20.79
N ASN A 108 -3.24 -5.73 19.48
CA ASN A 108 -2.56 -4.84 18.55
C ASN A 108 -3.49 -3.67 18.19
N GLN A 109 -3.31 -2.52 18.84
CA GLN A 109 -4.23 -1.39 18.65
C GLN A 109 -4.24 -0.88 17.22
N GLU A 110 -3.10 -0.97 16.55
CA GLU A 110 -3.06 -0.56 15.14
C GLU A 110 -3.99 -1.42 14.25
N GLY A 111 -4.09 -2.70 14.57
CA GLY A 111 -4.96 -3.63 13.85
C GLY A 111 -6.41 -3.28 14.11
N VAL A 112 -6.72 -3.03 15.37
CA VAL A 112 -8.06 -2.60 15.78
C VAL A 112 -8.49 -1.34 15.03
N ALA A 113 -7.56 -0.39 14.91
CA ALA A 113 -7.85 0.87 14.22
C ALA A 113 -8.18 0.66 12.73
N TYR A 114 -7.48 -0.27 12.08
CA TYR A 114 -7.78 -0.59 10.68
C TYR A 114 -9.24 -1.02 10.51
N TYR A 115 -9.68 -1.99 11.31
CA TYR A 115 -11.06 -2.49 11.17
C TYR A 115 -12.08 -1.43 11.57
N ASN A 116 -11.74 -0.62 12.58
CA ASN A 116 -12.63 0.52 12.89
C ASN A 116 -12.78 1.45 11.68
N ASN A 117 -11.66 1.78 11.06
CA ASN A 117 -11.65 2.67 9.90
C ASN A 117 -12.43 2.12 8.72
N LEU A 118 -12.25 0.83 8.45
CA LEU A 118 -12.97 0.12 7.39
C LEU A 118 -14.48 0.06 7.65
N ILE A 119 -14.84 -0.36 8.86
CA ILE A 119 -16.26 -0.42 9.27
C ILE A 119 -16.93 0.96 9.19
N ASN A 120 -16.22 1.97 9.70
CA ASN A 120 -16.77 3.31 9.71
C ASN A 120 -16.97 3.86 8.32
N TYR A 121 -16.01 3.61 7.44
CA TYR A 121 -16.15 4.06 6.06
C TYR A 121 -17.26 3.35 5.32
N LEU A 122 -17.37 2.03 5.48
CA LEU A 122 -18.50 1.29 4.89
C LEU A 122 -19.82 1.93 5.28
N LEU A 123 -19.98 2.17 6.58
CA LEU A 123 -21.23 2.73 7.07
C LEU A 123 -21.47 4.16 6.54
N GLN A 124 -20.39 4.94 6.47
CA GLN A 124 -20.49 6.29 5.94
C GLN A 124 -21.03 6.25 4.52
N LYS A 125 -20.63 5.22 3.76
CA LYS A 125 -21.01 5.08 2.36
C LYS A 125 -22.29 4.24 2.14
N GLY A 126 -22.97 3.88 3.22
CA GLY A 126 -24.23 3.14 3.12
C GLY A 126 -24.07 1.68 2.72
N ILE A 127 -22.92 1.10 3.04
CA ILE A 127 -22.67 -0.33 2.77
C ILE A 127 -22.69 -1.10 4.09
N THR A 128 -23.53 -2.13 4.19
CA THR A 128 -23.66 -2.90 5.43
C THR A 128 -22.52 -3.92 5.60
N PRO A 129 -21.79 -3.83 6.72
CA PRO A 129 -20.73 -4.81 6.95
C PRO A 129 -21.26 -6.16 7.46
N TYR A 130 -20.85 -7.23 6.78
CA TYR A 130 -21.10 -8.59 7.20
C TYR A 130 -19.73 -9.14 7.52
N VAL A 131 -19.48 -9.41 8.80
CA VAL A 131 -18.10 -9.62 9.24
C VAL A 131 -17.85 -11.04 9.75
N ASN A 132 -16.94 -11.71 9.06
CA ASN A 132 -16.45 -13.02 9.47
C ASN A 132 -15.32 -12.92 10.47
N LEU A 133 -15.38 -13.71 11.54
CA LEU A 133 -14.29 -13.69 12.54
C LEU A 133 -13.09 -14.52 12.11
N TYR A 134 -13.34 -15.51 11.25
CA TYR A 134 -12.33 -16.50 10.92
C TYR A 134 -12.45 -16.95 9.47
N HIS A 135 -11.34 -16.91 8.73
CA HIS A 135 -11.35 -17.37 7.35
C HIS A 135 -10.00 -18.03 7.03
N TYR A 136 -9.82 -19.24 7.56
CA TYR A 136 -8.63 -20.11 7.32
C TYR A 136 -7.34 -19.65 8.02
N ASP A 137 -7.40 -18.55 8.76
CA ASP A 137 -6.19 -17.84 9.15
C ASP A 137 -5.88 -17.90 10.65
N LEU A 138 -5.92 -19.10 11.22
CA LEU A 138 -5.52 -19.30 12.62
C LEU A 138 -4.15 -18.67 12.91
N PRO A 139 -4.04 -17.87 14.00
CA PRO A 139 -2.73 -17.36 14.43
C PRO A 139 -1.74 -18.51 14.60
N LEU A 140 -0.55 -18.34 14.00
CA LEU A 140 0.48 -19.38 14.05
C LEU A 140 0.82 -19.75 15.49
N ALA A 141 0.78 -18.76 16.38
CA ALA A 141 1.10 -19.00 17.81
C ALA A 141 0.14 -20.02 18.45
N LEU A 142 -1.14 -19.98 18.02
CA LEU A 142 -2.13 -20.93 18.57
C LEU A 142 -1.96 -22.33 18.00
N GLU A 143 -1.57 -22.43 16.73
CA GLU A 143 -1.22 -23.72 16.14
C GLU A 143 -0.06 -24.35 16.93
N LYS A 144 0.97 -23.56 17.17
CA LYS A 144 2.18 -24.10 17.83
C LYS A 144 1.97 -24.42 19.31
N LYS A 145 1.28 -23.54 20.03
CA LYS A 145 1.11 -23.72 21.47
C LYS A 145 0.04 -24.75 21.83
N TYR A 146 -1.04 -24.79 21.04
CA TYR A 146 -2.22 -25.61 21.40
C TYR A 146 -2.55 -26.76 20.45
N GLY A 147 -1.96 -26.75 19.25
CA GLY A 147 -2.31 -27.75 18.24
C GLY A 147 -3.53 -27.33 17.44
N GLY A 148 -3.89 -26.04 17.53
CA GLY A 148 -5.01 -25.51 16.73
C GLY A 148 -6.31 -26.29 16.93
N TRP A 149 -7.01 -26.58 15.84
CA TRP A 149 -8.36 -27.13 15.93
C TRP A 149 -8.48 -28.56 16.41
N LEU A 150 -7.36 -29.23 16.66
CA LEU A 150 -7.38 -30.53 17.30
C LEU A 150 -7.66 -30.39 18.81
N ASN A 151 -7.46 -29.19 19.34
CA ASN A 151 -7.54 -28.97 20.80
C ASN A 151 -8.89 -28.38 21.18
N ALA A 152 -9.61 -29.07 22.06
CA ALA A 152 -10.90 -28.57 22.53
C ALA A 152 -10.80 -27.17 23.18
N LYS A 153 -9.61 -26.79 23.63
CA LYS A 153 -9.37 -25.45 24.21
C LYS A 153 -9.65 -24.32 23.21
N MET A 154 -9.70 -24.64 21.92
CA MET A 154 -10.07 -23.64 20.91
C MET A 154 -11.41 -22.97 21.19
N ALA A 155 -12.34 -23.68 21.84
CA ALA A 155 -13.63 -23.05 22.16
C ALA A 155 -13.45 -21.81 23.06
N ASP A 156 -12.64 -21.94 24.11
CA ASP A 156 -12.34 -20.82 25.00
C ASP A 156 -11.53 -19.75 24.27
N LEU A 157 -10.54 -20.16 23.48
CA LEU A 157 -9.65 -19.20 22.83
C LEU A 157 -10.43 -18.39 21.79
N PHE A 158 -11.27 -19.10 21.03
CA PHE A 158 -12.07 -18.44 20.03
C PHE A 158 -13.13 -17.53 20.67
N THR A 159 -13.74 -17.99 21.76
CA THR A 159 -14.77 -17.20 22.43
C THR A 159 -14.20 -15.88 22.95
N GLU A 160 -13.00 -15.93 23.52
CA GLU A 160 -12.35 -14.70 24.03
C GLU A 160 -12.03 -13.72 22.91
N TYR A 161 -11.59 -14.23 21.76
CA TYR A 161 -11.37 -13.40 20.59
C TYR A 161 -12.69 -12.82 20.07
N ALA A 162 -13.70 -13.67 19.96
CA ALA A 162 -15.03 -13.20 19.51
C ALA A 162 -15.58 -12.13 20.45
N ASP A 163 -15.44 -12.36 21.75
CA ASP A 163 -15.92 -11.43 22.77
C ASP A 163 -15.28 -10.07 22.55
N PHE A 164 -13.96 -10.03 22.33
CA PHE A 164 -13.28 -8.77 22.05
C PHE A 164 -13.87 -8.07 20.83
N CYS A 165 -14.07 -8.82 19.75
CA CYS A 165 -14.66 -8.23 18.54
C CYS A 165 -16.09 -7.71 18.78
N PHE A 166 -16.90 -8.47 19.48
CA PHE A 166 -18.27 -7.98 19.80
C PHE A 166 -18.23 -6.66 20.57
N LYS A 167 -17.40 -6.60 21.61
CA LYS A 167 -17.28 -5.42 22.46
C LYS A 167 -16.80 -4.19 21.66
N THR A 168 -15.81 -4.42 20.81
CA THR A 168 -15.10 -3.35 20.11
C THR A 168 -15.83 -2.83 18.86
N PHE A 169 -16.51 -3.71 18.13
CA PHE A 169 -17.12 -3.36 16.84
C PHE A 169 -18.63 -3.53 16.80
N GLY A 170 -19.17 -4.26 17.78
CA GLY A 170 -20.57 -4.68 17.73
C GLY A 170 -21.61 -3.57 17.88
N ASN A 171 -21.21 -2.42 18.39
CA ASN A 171 -22.15 -1.27 18.38
C ASN A 171 -22.48 -0.81 16.95
N ARG A 172 -21.57 -1.14 16.03
CA ARG A 172 -21.73 -0.81 14.62
C ARG A 172 -22.01 -2.01 13.73
N VAL A 173 -21.33 -3.13 13.99
CA VAL A 173 -21.53 -4.37 13.20
C VAL A 173 -22.69 -5.19 13.76
N LYS A 174 -23.67 -5.49 12.90
CA LYS A 174 -24.91 -6.17 13.32
C LYS A 174 -25.10 -7.52 12.64
N HIS A 175 -24.18 -7.87 11.75
CA HIS A 175 -24.24 -9.13 10.99
C HIS A 175 -22.89 -9.81 11.04
N TRP A 176 -22.79 -10.83 11.88
CA TRP A 176 -21.53 -11.54 12.13
C TRP A 176 -21.58 -12.93 11.56
N PHE A 177 -20.42 -13.49 11.20
CA PHE A 177 -20.26 -14.94 11.03
C PHE A 177 -19.05 -15.34 11.85
N THR A 178 -19.10 -16.54 12.41
CA THR A 178 -17.96 -17.07 13.15
C THR A 178 -16.92 -17.63 12.19
N PHE A 179 -17.28 -18.71 11.50
CA PHE A 179 -16.33 -19.45 10.67
C PHE A 179 -16.71 -19.45 9.20
N ASN A 180 -15.71 -19.74 8.37
CA ASN A 180 -15.88 -19.96 6.93
C ASN A 180 -15.44 -21.36 6.54
N GLU A 181 -16.40 -22.18 6.11
CA GLU A 181 -16.13 -23.50 5.54
C GLU A 181 -15.26 -24.42 6.43
N PRO A 182 -15.75 -24.74 7.64
CA PRO A 182 -15.00 -25.68 8.50
C PRO A 182 -14.84 -27.05 7.81
N ARG A 183 -15.74 -27.41 6.90
CA ARG A 183 -15.58 -28.68 6.13
C ARG A 183 -14.27 -28.71 5.36
N ILE A 184 -13.92 -27.58 4.73
CA ILE A 184 -12.70 -27.49 3.94
C ILE A 184 -11.45 -27.50 4.84
N VAL A 185 -11.51 -26.83 5.98
CA VAL A 185 -10.41 -26.96 6.96
C VAL A 185 -10.19 -28.44 7.33
N ALA A 186 -11.27 -29.13 7.71
CA ALA A 186 -11.16 -30.54 8.10
C ALA A 186 -10.64 -31.38 6.93
N LEU A 187 -11.24 -31.19 5.75
CA LEU A 187 -10.88 -31.98 4.56
C LEU A 187 -9.44 -31.74 4.08
N LEU A 188 -9.10 -30.48 3.81
CA LEU A 188 -7.81 -30.18 3.20
C LEU A 188 -6.68 -30.10 4.24
N GLY A 189 -7.01 -29.73 5.47
CA GLY A 189 -6.00 -29.59 6.52
C GLY A 189 -5.67 -30.88 7.23
N TYR A 190 -6.61 -31.83 7.25
CA TYR A 190 -6.48 -32.98 8.14
C TYR A 190 -6.85 -34.31 7.52
N ASP A 191 -7.49 -34.28 6.36
CA ASP A 191 -7.78 -35.51 5.63
C ASP A 191 -6.76 -35.67 4.50
N GLN A 192 -6.78 -34.75 3.55
CA GLN A 192 -5.88 -34.82 2.40
C GLN A 192 -4.50 -34.24 2.73
N GLY A 193 -4.45 -33.32 3.70
CA GLY A 193 -3.19 -32.72 4.14
C GLY A 193 -2.57 -31.76 3.12
N THR A 194 -3.40 -31.18 2.26
CA THR A 194 -2.89 -30.26 1.24
C THR A 194 -2.96 -28.78 1.61
N ASN A 195 -3.66 -28.46 2.71
CA ASN A 195 -3.70 -27.10 3.26
C ASN A 195 -3.15 -27.14 4.68
N PRO A 196 -2.74 -25.99 5.24
CA PRO A 196 -2.18 -26.08 6.60
C PRO A 196 -3.22 -26.60 7.59
N PRO A 197 -2.80 -27.37 8.61
CA PRO A 197 -1.43 -27.71 8.99
C PRO A 197 -0.79 -28.91 8.24
N LYS A 198 -1.33 -29.26 7.07
CA LYS A 198 -0.78 -30.35 6.25
C LYS A 198 -0.74 -31.69 6.98
N ARG A 199 -1.85 -32.04 7.63
CA ARG A 199 -1.91 -33.28 8.41
C ARG A 199 -2.69 -34.33 7.65
N CYS A 200 -2.21 -35.57 7.70
CA CYS A 200 -2.89 -36.70 7.06
C CYS A 200 -2.15 -37.97 7.47
N THR A 201 -2.71 -39.13 7.15
CA THR A 201 -2.13 -40.39 7.62
C THR A 201 -0.68 -40.53 7.13
N LYS A 202 -0.44 -40.20 5.88
CA LYS A 202 0.92 -40.33 5.33
C LYS A 202 1.84 -39.11 5.57
N CYS A 203 1.30 -38.03 6.11
CA CYS A 203 1.94 -36.71 6.00
C CYS A 203 3.17 -36.54 6.88
N ALA A 204 4.16 -35.79 6.39
CA ALA A 204 5.38 -35.49 7.17
C ALA A 204 5.06 -34.88 8.54
N ALA A 205 4.04 -34.02 8.58
CA ALA A 205 3.65 -33.33 9.82
C ALA A 205 2.94 -34.25 10.81
N GLY A 206 2.61 -35.48 10.38
CA GLY A 206 1.81 -36.37 11.22
C GLY A 206 0.33 -36.28 10.86
N GLY A 207 -0.49 -37.06 11.56
CA GLY A 207 -1.94 -37.00 11.39
C GLY A 207 -2.60 -38.35 11.19
N ASN A 208 -3.91 -38.30 10.95
CA ASN A 208 -4.72 -39.48 10.82
C ASN A 208 -6.00 -39.10 10.10
N SER A 209 -6.05 -39.39 8.81
CA SER A 209 -7.12 -38.94 7.93
C SER A 209 -8.50 -39.49 8.31
N ALA A 210 -8.52 -40.58 9.07
CA ALA A 210 -9.77 -41.22 9.55
C ALA A 210 -10.36 -40.62 10.83
N THR A 211 -9.58 -39.86 11.59
CA THR A 211 -10.02 -39.38 12.91
C THR A 211 -9.97 -37.87 13.01
N GLU A 212 -8.88 -37.28 12.53
CA GLU A 212 -8.67 -35.86 12.79
C GLU A 212 -9.70 -34.93 12.15
N PRO A 213 -10.17 -35.25 10.93
CA PRO A 213 -11.20 -34.35 10.34
C PRO A 213 -12.44 -34.26 11.24
N TYR A 214 -12.82 -35.37 11.86
CA TYR A 214 -13.99 -35.37 12.75
C TYR A 214 -13.74 -34.60 14.04
N ILE A 215 -12.53 -34.71 14.58
CA ILE A 215 -12.16 -33.97 15.80
C ILE A 215 -12.22 -32.44 15.52
N VAL A 216 -11.63 -32.05 14.40
CA VAL A 216 -11.60 -30.66 13.97
C VAL A 216 -13.02 -30.10 13.77
N ALA A 217 -13.86 -30.82 13.04
CA ALA A 217 -15.25 -30.36 12.82
C ALA A 217 -15.99 -30.17 14.15
N HIS A 218 -15.82 -31.12 15.06
CA HIS A 218 -16.49 -31.07 16.36
C HIS A 218 -16.04 -29.81 17.08
N ASN A 219 -14.75 -29.54 17.04
CA ASN A 219 -14.24 -28.36 17.72
C ASN A 219 -14.70 -27.04 17.10
N PHE A 220 -14.86 -27.01 15.77
CA PHE A 220 -15.48 -25.83 15.14
C PHE A 220 -16.92 -25.63 15.61
N LEU A 221 -17.69 -26.71 15.69
CA LEU A 221 -19.09 -26.60 16.14
C LEU A 221 -19.19 -26.15 17.60
N LEU A 222 -18.37 -26.75 18.44
CA LEU A 222 -18.34 -26.38 19.86
C LEU A 222 -17.89 -24.94 20.05
N SER A 223 -16.89 -24.53 19.26
CA SER A 223 -16.39 -23.13 19.33
C SER A 223 -17.40 -22.12 18.84
N HIS A 224 -18.07 -22.44 17.73
CA HIS A 224 -19.16 -21.59 17.22
C HIS A 224 -20.21 -21.41 18.31
N ALA A 225 -20.64 -22.53 18.88
CA ALA A 225 -21.70 -22.49 19.91
C ALA A 225 -21.30 -21.67 21.13
N ALA A 226 -20.03 -21.78 21.54
CA ALA A 226 -19.54 -21.05 22.71
C ALA A 226 -19.52 -19.56 22.43
N ALA A 227 -19.09 -19.18 21.22
CA ALA A 227 -19.01 -17.76 20.85
C ALA A 227 -20.42 -17.16 20.76
N VAL A 228 -21.36 -17.92 20.21
CA VAL A 228 -22.75 -17.43 20.10
C VAL A 228 -23.40 -17.30 21.46
N ALA A 229 -23.16 -18.28 22.34
CA ALA A 229 -23.67 -18.19 23.70
C ALA A 229 -23.17 -16.90 24.39
N ARG A 230 -21.88 -16.60 24.21
CA ARG A 230 -21.31 -15.37 24.77
C ARG A 230 -21.98 -14.14 24.15
N TYR A 231 -22.18 -14.15 22.83
CA TYR A 231 -22.87 -13.02 22.20
C TYR A 231 -24.25 -12.80 22.80
N ARG A 232 -25.03 -13.89 22.87
CA ARG A 232 -26.41 -13.79 23.31
C ARG A 232 -26.55 -13.38 24.79
N THR A 233 -25.67 -13.91 25.64
CA THR A 233 -25.76 -13.60 27.06
C THR A 233 -25.19 -12.24 27.44
N LYS A 234 -24.15 -11.78 26.75
CA LYS A 234 -23.44 -10.55 27.16
C LYS A 234 -23.72 -9.32 26.28
N TYR A 235 -23.87 -9.53 24.97
CA TYR A 235 -23.87 -8.41 24.01
C TYR A 235 -25.18 -8.15 23.28
N GLN A 236 -26.01 -9.18 23.09
CA GLN A 236 -27.16 -9.06 22.20
C GLN A 236 -28.21 -8.06 22.68
N ALA A 237 -28.45 -8.01 23.98
CA ALA A 237 -29.46 -7.08 24.50
C ALA A 237 -29.18 -5.63 24.07
N ALA A 238 -27.93 -5.20 24.23
CA ALA A 238 -27.52 -3.85 23.85
C ALA A 238 -27.35 -3.71 22.34
N GLN A 239 -26.73 -4.70 21.70
CA GLN A 239 -26.29 -4.55 20.30
C GLN A 239 -27.33 -4.95 19.25
N GLN A 240 -28.20 -5.90 19.58
CA GLN A 240 -29.33 -6.28 18.72
C GLN A 240 -28.89 -6.72 17.32
N GLY A 241 -27.76 -7.44 17.28
CA GLY A 241 -27.24 -8.00 16.03
C GLY A 241 -27.48 -9.48 15.95
N LYS A 242 -26.83 -10.11 14.97
CA LYS A 242 -27.03 -11.52 14.66
C LYS A 242 -25.67 -12.16 14.37
N VAL A 243 -25.56 -13.46 14.64
CA VAL A 243 -24.35 -14.21 14.34
C VAL A 243 -24.72 -15.52 13.65
N GLY A 244 -24.10 -15.78 12.50
CA GLY A 244 -24.29 -17.05 11.78
C GLY A 244 -22.96 -17.75 11.55
N ILE A 245 -22.93 -18.64 10.57
CA ILE A 245 -21.74 -19.41 10.22
C ILE A 245 -21.82 -19.63 8.72
N VAL A 246 -20.67 -19.77 8.08
CA VAL A 246 -20.63 -19.97 6.64
C VAL A 246 -20.18 -21.40 6.35
N LEU A 247 -20.96 -22.10 5.54
CA LEU A 247 -20.68 -23.49 5.22
C LEU A 247 -20.62 -23.67 3.70
N ASP A 248 -19.67 -24.46 3.21
CA ASP A 248 -19.68 -24.75 1.77
C ASP A 248 -20.68 -25.87 1.46
N PHE A 249 -21.38 -25.71 0.35
CA PHE A 249 -22.26 -26.76 -0.11
C PHE A 249 -22.20 -26.79 -1.62
N ASN A 250 -21.70 -27.89 -2.16
CA ASN A 250 -21.84 -28.12 -3.60
C ASN A 250 -22.86 -29.22 -3.83
N TRP A 251 -23.58 -29.16 -4.94
CA TRP A 251 -24.71 -30.08 -5.12
C TRP A 251 -24.24 -31.49 -5.52
N TYR A 252 -25.03 -32.49 -5.15
CA TYR A 252 -24.79 -33.89 -5.54
C TYR A 252 -26.10 -34.39 -6.13
N GLU A 253 -26.01 -34.89 -7.36
CA GLU A 253 -27.15 -35.39 -8.08
C GLU A 253 -26.95 -36.87 -8.38
N ALA A 254 -27.95 -37.69 -8.08
CA ALA A 254 -27.83 -39.13 -8.39
C ALA A 254 -27.60 -39.33 -9.88
N LEU A 255 -26.63 -40.17 -10.23
CA LEU A 255 -26.35 -40.51 -11.64
C LEU A 255 -27.57 -41.10 -12.36
N SER A 256 -28.34 -41.89 -11.65
CA SER A 256 -29.57 -42.50 -12.16
C SER A 256 -30.58 -42.54 -11.04
N ASN A 257 -31.80 -42.97 -11.35
CA ASN A 257 -32.84 -43.12 -10.32
C ASN A 257 -32.79 -44.44 -9.55
N SER A 258 -31.70 -45.19 -9.69
CA SER A 258 -31.54 -46.43 -8.93
C SER A 258 -31.52 -46.15 -7.41
N THR A 259 -32.02 -47.09 -6.62
CA THR A 259 -31.95 -46.97 -5.16
C THR A 259 -30.52 -46.68 -4.67
N GLU A 260 -29.54 -47.40 -5.21
CA GLU A 260 -28.17 -47.20 -4.75
C GLU A 260 -27.57 -45.85 -5.20
N ASP A 261 -27.89 -45.38 -6.40
CA ASP A 261 -27.38 -44.06 -6.83
C ASP A 261 -28.04 -42.92 -6.04
N GLN A 262 -29.35 -43.02 -5.82
CA GLN A 262 -30.05 -42.06 -5.00
C GLN A 262 -29.53 -42.05 -3.56
N ALA A 263 -29.23 -43.22 -3.01
CA ALA A 263 -28.66 -43.31 -1.67
C ALA A 263 -27.27 -42.68 -1.61
N ALA A 264 -26.47 -42.92 -2.66
CA ALA A 264 -25.12 -42.33 -2.74
C ALA A 264 -25.16 -40.80 -2.73
N ALA A 265 -26.03 -40.24 -3.57
CA ALA A 265 -26.14 -38.80 -3.65
C ALA A 265 -26.55 -38.25 -2.29
N GLN A 266 -27.47 -38.93 -1.62
CA GLN A 266 -27.93 -38.47 -0.30
C GLN A 266 -26.83 -38.65 0.77
N ARG A 267 -26.03 -39.72 0.68
CA ARG A 267 -24.90 -39.87 1.60
C ARG A 267 -23.92 -38.71 1.46
N ALA A 268 -23.63 -38.32 0.22
CA ALA A 268 -22.73 -37.20 -0.03
C ALA A 268 -23.30 -35.90 0.55
N ARG A 269 -24.60 -35.63 0.39
CA ARG A 269 -25.19 -34.43 0.99
C ARG A 269 -24.99 -34.43 2.51
N ASP A 270 -25.27 -35.57 3.13
CA ASP A 270 -25.14 -35.70 4.60
C ASP A 270 -23.71 -35.53 5.11
N PHE A 271 -22.73 -36.14 4.42
CA PHE A 271 -21.33 -36.02 4.80
C PHE A 271 -20.75 -34.64 4.48
N HIS A 272 -21.40 -33.94 3.56
CA HIS A 272 -20.93 -32.61 3.11
C HIS A 272 -21.54 -31.47 3.93
N ILE A 273 -22.86 -31.33 3.88
CA ILE A 273 -23.54 -30.22 4.55
C ILE A 273 -24.24 -30.67 5.85
N GLY A 274 -24.77 -31.89 5.86
CA GLY A 274 -25.46 -32.38 7.07
C GLY A 274 -24.53 -32.50 8.27
N TRP A 275 -23.26 -32.80 7.99
CA TRP A 275 -22.21 -32.84 9.01
C TRP A 275 -22.30 -31.62 9.96
N TYR A 276 -22.59 -30.44 9.39
CA TYR A 276 -22.75 -29.18 10.16
C TYR A 276 -24.19 -28.78 10.42
N LEU A 277 -25.06 -28.98 9.44
CA LEU A 277 -26.43 -28.50 9.56
C LEU A 277 -27.28 -29.35 10.49
N ASP A 278 -27.07 -30.66 10.48
CA ASP A 278 -27.84 -31.47 11.43
C ASP A 278 -27.50 -31.09 12.87
N PRO A 279 -26.22 -30.86 13.20
CA PRO A 279 -26.01 -30.34 14.56
C PRO A 279 -26.62 -28.93 14.78
N LEU A 280 -26.41 -28.03 13.82
CA LEU A 280 -26.82 -26.63 14.01
C LEU A 280 -28.35 -26.47 14.01
N ILE A 281 -29.05 -27.33 13.28
CA ILE A 281 -30.50 -27.20 13.20
C ILE A 281 -31.21 -28.21 14.11
N ASN A 282 -30.70 -29.43 14.17
CA ASN A 282 -31.38 -30.54 14.82
C ASN A 282 -30.70 -31.02 16.09
N GLY A 283 -29.49 -30.53 16.37
CA GLY A 283 -28.80 -30.94 17.60
C GLY A 283 -28.17 -32.33 17.58
N HIS A 284 -27.91 -32.90 16.41
CA HIS A 284 -27.18 -34.18 16.32
C HIS A 284 -26.49 -34.30 14.98
N TYR A 285 -25.48 -35.15 14.89
CA TYR A 285 -24.88 -35.47 13.59
C TYR A 285 -25.85 -36.31 12.76
N PRO A 286 -25.69 -36.27 11.41
CA PRO A 286 -26.55 -37.09 10.53
C PRO A 286 -26.48 -38.56 10.95
N GLN A 287 -27.62 -39.24 10.86
CA GLN A 287 -27.70 -40.65 11.24
C GLN A 287 -26.70 -41.51 10.47
N ILE A 288 -26.59 -41.30 9.16
CA ILE A 288 -25.65 -42.08 8.34
C ILE A 288 -24.19 -41.94 8.81
N MET A 289 -23.85 -40.74 9.30
CA MET A 289 -22.50 -40.52 9.79
C MET A 289 -22.28 -41.24 11.11
N GLN A 290 -23.30 -41.20 11.96
CA GLN A 290 -23.25 -41.99 13.19
C GLN A 290 -23.10 -43.48 12.87
N ASP A 291 -23.87 -43.95 11.90
CA ASP A 291 -23.86 -45.37 11.48
C ASP A 291 -22.55 -45.82 10.86
N LEU A 292 -21.95 -44.98 10.01
CA LEU A 292 -20.75 -45.40 9.26
C LEU A 292 -19.45 -45.06 9.96
N VAL A 293 -19.41 -43.90 10.61
CA VAL A 293 -18.17 -43.40 11.21
C VAL A 293 -17.99 -43.94 12.64
N LYS A 294 -19.10 -44.20 13.32
CA LYS A 294 -19.11 -44.88 14.62
C LYS A 294 -18.29 -44.17 15.69
N ASP A 295 -17.37 -44.86 16.35
CA ASP A 295 -16.66 -44.25 17.49
C ASP A 295 -15.61 -43.18 17.08
N ARG A 296 -15.33 -43.08 15.79
CA ARG A 296 -14.49 -42.00 15.26
C ARG A 296 -15.24 -40.67 15.16
N LEU A 297 -16.56 -40.71 15.27
CA LEU A 297 -17.34 -39.47 15.31
C LEU A 297 -17.59 -39.09 16.78
N PRO A 298 -17.07 -37.93 17.21
CA PRO A 298 -17.32 -37.48 18.59
C PRO A 298 -18.80 -37.37 18.91
N LYS A 299 -19.16 -37.59 20.17
CA LYS A 299 -20.55 -37.47 20.60
C LYS A 299 -20.74 -36.19 21.38
N PHE A 300 -21.73 -35.39 20.99
CA PHE A 300 -22.15 -34.26 21.82
C PHE A 300 -22.84 -34.81 23.05
N THR A 301 -22.50 -34.28 24.22
CA THR A 301 -23.33 -34.47 25.39
C THR A 301 -24.69 -33.76 25.15
N PRO A 302 -25.74 -34.16 25.90
CA PRO A 302 -27.02 -33.46 25.76
C PRO A 302 -26.86 -31.95 25.91
N GLU A 303 -26.05 -31.52 26.88
CA GLU A 303 -25.85 -30.09 27.10
C GLU A 303 -25.17 -29.38 25.91
N GLN A 304 -24.14 -30.02 25.35
CA GLN A 304 -23.46 -29.45 24.19
C GLN A 304 -24.37 -29.41 22.98
N ALA A 305 -25.14 -30.47 22.77
CA ALA A 305 -26.07 -30.53 21.65
C ALA A 305 -27.10 -29.40 21.75
N ARG A 306 -27.54 -29.10 22.97
CA ARG A 306 -28.52 -28.03 23.18
C ARG A 306 -27.89 -26.62 22.99
N LEU A 307 -26.59 -26.53 23.20
CA LEU A 307 -25.88 -25.27 22.95
C LEU A 307 -25.66 -25.04 21.46
N VAL A 308 -25.37 -26.12 20.74
CA VAL A 308 -25.13 -26.07 19.29
C VAL A 308 -26.44 -25.87 18.51
N LYS A 309 -27.48 -26.61 18.88
CA LYS A 309 -28.77 -26.48 18.21
C LYS A 309 -29.30 -25.05 18.34
N GLY A 310 -29.72 -24.48 17.21
CA GLY A 310 -30.30 -23.13 17.18
C GLY A 310 -29.30 -22.00 17.33
N SER A 311 -28.00 -22.32 17.30
CA SER A 311 -26.95 -21.33 17.53
C SER A 311 -26.55 -20.53 16.30
N ALA A 312 -27.24 -20.71 15.19
CA ALA A 312 -26.95 -19.88 14.01
C ALA A 312 -28.21 -19.09 13.64
N ASP A 313 -28.09 -17.76 13.67
CA ASP A 313 -29.21 -16.86 13.31
C ASP A 313 -29.51 -16.90 11.83
N TYR A 314 -28.50 -17.24 11.04
CA TYR A 314 -28.70 -17.54 9.63
C TYR A 314 -27.61 -18.49 9.18
N ILE A 315 -27.84 -19.16 8.07
CA ILE A 315 -26.85 -20.08 7.54
C ILE A 315 -26.23 -19.47 6.29
N GLY A 316 -24.95 -19.14 6.33
CA GLY A 316 -24.23 -18.76 5.12
C GLY A 316 -23.91 -20.00 4.29
N ILE A 317 -24.28 -19.98 3.01
CA ILE A 317 -23.88 -21.04 2.07
C ILE A 317 -22.99 -20.50 0.98
N ASN A 318 -21.77 -21.05 0.92
CA ASN A 318 -20.90 -20.88 -0.23
C ASN A 318 -21.20 -21.95 -1.28
N GLN A 319 -21.69 -21.55 -2.45
CA GLN A 319 -22.20 -22.48 -3.47
C GLN A 319 -21.47 -22.24 -4.78
N TYR A 320 -20.90 -23.30 -5.36
CA TYR A 320 -20.17 -23.14 -6.63
C TYR A 320 -20.56 -24.11 -7.73
N THR A 321 -20.73 -25.38 -7.36
CA THR A 321 -20.73 -26.42 -8.37
C THR A 321 -21.59 -27.64 -8.00
N ALA A 322 -21.58 -28.65 -8.87
CA ALA A 322 -22.40 -29.85 -8.71
C ALA A 322 -21.65 -31.04 -9.26
N SER A 323 -21.97 -32.22 -8.72
CA SER A 323 -21.35 -33.47 -9.17
C SER A 323 -22.42 -34.51 -9.31
N TYR A 324 -22.24 -35.44 -10.26
CA TYR A 324 -23.05 -36.66 -10.26
C TYR A 324 -22.42 -37.64 -9.29
N MET A 325 -23.27 -38.44 -8.63
CA MET A 325 -22.83 -39.45 -7.68
C MET A 325 -23.39 -40.83 -8.07
N LYS A 326 -22.53 -41.84 -8.00
CA LYS A 326 -22.86 -43.23 -8.30
C LYS A 326 -22.68 -44.02 -7.00
N GLY A 327 -23.60 -44.95 -6.75
CA GLY A 327 -23.56 -45.73 -5.54
C GLY A 327 -22.96 -47.11 -5.69
N GLN A 328 -23.12 -47.87 -4.62
CA GLN A 328 -22.47 -49.15 -4.43
C GLN A 328 -23.21 -49.77 -3.26
N GLN A 329 -23.08 -51.09 -3.07
CA GLN A 329 -23.60 -51.70 -1.87
C GLN A 329 -22.70 -51.25 -0.71
N LEU A 330 -23.30 -50.77 0.39
CA LEU A 330 -22.51 -50.35 1.57
C LEU A 330 -21.73 -51.54 2.15
N MET A 331 -20.44 -51.31 2.40
CA MET A 331 -19.49 -52.37 2.79
C MET A 331 -18.89 -52.11 4.15
N GLN A 332 -18.61 -53.20 4.87
CA GLN A 332 -17.75 -53.12 6.04
C GLN A 332 -16.33 -52.89 5.54
N GLN A 333 -15.68 -51.84 6.04
CA GLN A 333 -14.35 -51.45 5.55
C GLN A 333 -13.49 -50.94 6.68
N THR A 334 -12.20 -51.29 6.67
CA THR A 334 -11.23 -50.68 7.58
C THR A 334 -11.25 -49.17 7.32
N PRO A 335 -11.41 -48.36 8.39
CA PRO A 335 -11.44 -46.91 8.14
C PRO A 335 -10.13 -46.41 7.57
N THR A 336 -10.20 -45.51 6.59
CA THR A 336 -9.01 -44.86 6.05
C THR A 336 -9.08 -43.34 6.04
N SER A 337 -10.25 -42.77 5.74
CA SER A 337 -10.39 -41.32 5.71
C SER A 337 -11.84 -40.83 5.70
N TYR A 338 -12.04 -39.59 6.11
CA TYR A 338 -13.34 -38.95 6.02
C TYR A 338 -13.86 -39.09 4.59
N SER A 339 -13.00 -38.85 3.61
CA SER A 339 -13.37 -38.95 2.19
C SER A 339 -13.89 -40.34 1.80
N ALA A 340 -13.16 -41.38 2.20
CA ALA A 340 -13.54 -42.76 1.88
C ALA A 340 -14.77 -43.23 2.67
N ASP A 341 -15.02 -42.56 3.80
CA ASP A 341 -16.15 -42.89 4.67
C ASP A 341 -17.51 -42.76 3.98
N TRP A 342 -17.59 -41.91 2.95
CA TRP A 342 -18.86 -41.63 2.29
C TRP A 342 -19.34 -42.84 1.46
N GLN A 343 -18.41 -43.68 1.02
CA GLN A 343 -18.68 -44.82 0.13
C GLN A 343 -19.46 -44.43 -1.12
N VAL A 344 -18.95 -43.42 -1.81
CA VAL A 344 -19.59 -42.92 -3.03
C VAL A 344 -18.56 -42.88 -4.14
N THR A 345 -19.06 -42.81 -5.38
CA THR A 345 -18.23 -42.72 -6.54
C THR A 345 -18.62 -41.47 -7.35
N TYR A 346 -17.66 -40.56 -7.51
CA TYR A 346 -17.86 -39.35 -8.30
C TYR A 346 -17.87 -39.72 -9.78
N VAL A 347 -18.75 -39.04 -10.52
CA VAL A 347 -18.90 -39.24 -11.95
C VAL A 347 -19.12 -37.86 -12.56
N PHE A 348 -18.40 -37.49 -13.61
CA PHE A 348 -18.61 -36.14 -14.14
C PHE A 348 -19.36 -36.03 -15.46
N ALA A 349 -19.95 -37.13 -15.91
CA ALA A 349 -20.82 -37.10 -17.09
C ALA A 349 -22.05 -37.99 -16.91
N LYS A 350 -23.12 -37.64 -17.60
CA LYS A 350 -24.34 -38.44 -17.63
C LYS A 350 -24.82 -38.42 -19.06
N ASN A 351 -25.22 -39.59 -19.57
CA ASN A 351 -25.70 -39.72 -20.96
C ASN A 351 -24.71 -39.13 -21.98
N GLY A 352 -23.42 -39.31 -21.73
CA GLY A 352 -22.36 -38.84 -22.61
C GLY A 352 -22.04 -37.36 -22.59
N LYS A 353 -22.69 -36.61 -21.70
CA LYS A 353 -22.48 -35.16 -21.61
C LYS A 353 -21.86 -34.83 -20.25
N PRO A 354 -20.83 -33.95 -20.25
CA PRO A 354 -20.32 -33.48 -18.96
C PRO A 354 -21.41 -32.68 -18.23
N ILE A 355 -21.35 -32.68 -16.89
CA ILE A 355 -22.34 -31.94 -16.09
C ILE A 355 -22.30 -30.45 -16.40
N GLY A 356 -21.12 -29.94 -16.76
CA GLY A 356 -20.98 -28.56 -17.22
C GLY A 356 -19.55 -28.35 -17.70
N PRO A 357 -19.28 -27.20 -18.35
CA PRO A 357 -17.88 -26.84 -18.66
C PRO A 357 -17.17 -26.36 -17.40
N GLN A 358 -15.85 -26.46 -17.37
CA GLN A 358 -15.10 -26.02 -16.20
C GLN A 358 -14.67 -24.56 -16.34
N ALA A 359 -14.63 -23.83 -15.22
CA ALA A 359 -13.96 -22.51 -15.17
C ALA A 359 -12.46 -22.78 -15.09
N ASN A 360 -11.67 -21.80 -14.65
CA ASN A 360 -10.22 -22.05 -14.54
C ASN A 360 -9.86 -23.13 -13.49
N SER A 361 -10.50 -23.08 -12.32
CA SER A 361 -10.27 -24.11 -11.29
C SER A 361 -10.86 -25.46 -11.70
N ASN A 362 -10.10 -26.53 -11.61
CA ASN A 362 -10.53 -27.82 -12.15
C ASN A 362 -11.77 -28.37 -11.45
N TRP A 363 -11.95 -28.00 -10.18
CA TRP A 363 -13.12 -28.45 -9.41
C TRP A 363 -14.41 -27.70 -9.75
N LEU A 364 -14.27 -26.58 -10.46
CA LEU A 364 -15.40 -25.68 -10.63
C LEU A 364 -16.11 -25.93 -11.96
N TYR A 365 -17.11 -26.81 -11.93
CA TYR A 365 -17.95 -27.08 -13.08
C TYR A 365 -19.12 -26.10 -13.02
N ILE A 366 -19.36 -25.43 -14.14
CA ILE A 366 -20.41 -24.42 -14.24
C ILE A 366 -21.74 -25.16 -14.42
N VAL A 367 -22.49 -25.23 -13.33
CA VAL A 367 -23.76 -25.97 -13.26
C VAL A 367 -24.77 -25.13 -12.52
N PRO A 368 -25.45 -24.21 -13.23
CA PRO A 368 -26.33 -23.27 -12.51
C PRO A 368 -27.43 -23.97 -11.72
N TRP A 369 -27.92 -25.11 -12.21
CA TRP A 369 -29.01 -25.79 -11.50
C TRP A 369 -28.56 -26.39 -10.16
N GLY A 370 -27.24 -26.48 -9.92
CA GLY A 370 -26.74 -26.89 -8.58
C GLY A 370 -27.13 -25.87 -7.51
N MET A 371 -27.21 -24.60 -7.89
CA MET A 371 -27.65 -23.54 -6.97
C MET A 371 -29.09 -23.79 -6.52
N TYR A 372 -29.98 -24.05 -7.48
CA TYR A 372 -31.34 -24.45 -7.14
C TYR A 372 -31.34 -25.72 -6.30
N GLY A 373 -30.59 -26.74 -6.72
CA GLY A 373 -30.52 -28.02 -5.97
C GLY A 373 -30.24 -27.78 -4.48
N CYS A 374 -29.13 -27.08 -4.20
CA CYS A 374 -28.67 -26.83 -2.84
C CYS A 374 -29.70 -26.05 -2.01
N VAL A 375 -30.27 -24.99 -2.60
CA VAL A 375 -31.16 -24.10 -1.87
C VAL A 375 -32.49 -24.82 -1.59
N ASN A 376 -33.05 -25.46 -2.62
CA ASN A 376 -34.24 -26.27 -2.45
C ASN A 376 -34.04 -27.38 -1.41
N TYR A 377 -32.89 -28.03 -1.45
CA TYR A 377 -32.62 -29.13 -0.53
C TYR A 377 -32.64 -28.66 0.92
N ILE A 378 -31.96 -27.56 1.19
CA ILE A 378 -31.92 -27.03 2.57
C ILE A 378 -33.31 -26.59 3.05
N LYS A 379 -34.07 -25.98 2.13
CA LYS A 379 -35.44 -25.54 2.44
C LYS A 379 -36.31 -26.72 2.88
N GLN A 380 -36.31 -27.79 2.07
CA GLN A 380 -37.16 -28.97 2.30
C GLN A 380 -36.72 -29.83 3.47
N LYS A 381 -35.40 -29.89 3.71
CA LYS A 381 -34.90 -30.85 4.72
C LYS A 381 -34.75 -30.28 6.12
N TYR A 382 -34.41 -28.99 6.21
CA TYR A 382 -34.07 -28.35 7.49
C TYR A 382 -35.06 -27.30 7.98
N GLY A 383 -36.31 -27.39 7.53
CA GLY A 383 -37.35 -26.47 7.99
C GLY A 383 -37.16 -25.04 7.48
N ASN A 384 -36.58 -24.89 6.30
CA ASN A 384 -36.47 -23.59 5.62
C ASN A 384 -35.80 -22.52 6.51
N PRO A 385 -34.59 -22.80 6.99
CA PRO A 385 -33.87 -21.81 7.80
C PRO A 385 -33.50 -20.58 6.95
N THR A 386 -33.24 -19.45 7.60
CA THR A 386 -32.77 -18.28 6.87
C THR A 386 -31.38 -18.59 6.33
N VAL A 387 -31.27 -18.54 5.01
CA VAL A 387 -30.03 -18.78 4.26
C VAL A 387 -29.55 -17.48 3.63
N VAL A 388 -28.24 -17.28 3.62
CA VAL A 388 -27.61 -16.22 2.85
C VAL A 388 -26.61 -16.90 1.95
N ILE A 389 -26.68 -16.64 0.65
CA ILE A 389 -25.62 -17.15 -0.23
C ILE A 389 -24.41 -16.24 0.00
N THR A 390 -23.38 -16.78 0.65
CA THR A 390 -22.25 -15.98 1.11
C THR A 390 -21.04 -15.99 0.17
N SER A 391 -21.09 -16.80 -0.91
CA SER A 391 -20.09 -16.75 -1.98
C SER A 391 -20.60 -17.56 -3.15
N ASN A 392 -20.40 -17.04 -4.36
CA ASN A 392 -20.71 -17.74 -5.60
C ASN A 392 -19.95 -16.96 -6.67
N GLY A 393 -19.30 -17.66 -7.60
CA GLY A 393 -18.51 -16.97 -8.63
C GLY A 393 -17.64 -17.97 -9.37
N MET A 394 -16.79 -17.47 -10.27
CA MET A 394 -15.98 -18.37 -11.11
C MET A 394 -14.69 -17.65 -11.48
N ASP A 395 -13.70 -18.43 -11.92
CA ASP A 395 -12.38 -17.84 -12.15
C ASP A 395 -11.87 -17.90 -13.59
N GLN A 396 -11.09 -16.88 -13.94
CA GLN A 396 -10.31 -16.82 -15.16
C GLN A 396 -8.89 -17.31 -14.89
N PRO A 397 -8.21 -17.79 -15.93
CA PRO A 397 -6.84 -18.25 -15.76
C PRO A 397 -5.80 -17.12 -15.72
N ALA A 398 -4.55 -17.48 -15.47
CA ALA A 398 -3.43 -16.56 -15.45
C ALA A 398 -3.09 -16.10 -16.87
N ASN A 399 -2.26 -15.05 -16.95
CA ASN A 399 -1.55 -14.70 -18.18
C ASN A 399 -2.40 -14.05 -19.28
N LEU A 400 -3.62 -13.64 -18.97
CA LEU A 400 -4.43 -12.90 -19.97
C LEU A 400 -4.01 -11.44 -19.99
N SER A 401 -4.37 -10.73 -21.05
CA SER A 401 -4.15 -9.30 -21.12
C SER A 401 -5.20 -8.64 -20.27
N ARG A 402 -4.97 -7.38 -19.93
CA ARG A 402 -5.97 -6.62 -19.20
C ARG A 402 -7.32 -6.68 -19.91
N ASP A 403 -7.37 -6.37 -21.20
CA ASP A 403 -8.64 -6.37 -21.93
C ASP A 403 -9.34 -7.72 -21.91
N GLN A 404 -8.57 -8.81 -22.00
CA GLN A 404 -9.14 -10.15 -21.88
C GLN A 404 -9.77 -10.38 -20.50
N TYR A 405 -9.12 -9.92 -19.44
CA TYR A 405 -9.73 -10.02 -18.09
C TYR A 405 -11.04 -9.23 -18.03
N LEU A 406 -11.06 -8.06 -18.66
CA LEU A 406 -12.22 -7.17 -18.55
C LEU A 406 -13.43 -7.67 -19.32
N ARG A 407 -13.19 -8.35 -20.43
CA ARG A 407 -14.30 -8.87 -21.25
C ARG A 407 -14.74 -10.23 -20.75
N ASP A 408 -15.25 -10.28 -19.51
CA ASP A 408 -15.46 -11.57 -18.85
C ASP A 408 -16.88 -12.08 -19.10
N THR A 409 -17.16 -12.30 -20.37
CA THR A 409 -18.48 -12.67 -20.81
C THR A 409 -18.93 -14.01 -20.18
N THR A 410 -17.99 -14.94 -19.93
CA THR A 410 -18.34 -16.19 -19.28
C THR A 410 -18.83 -15.98 -17.84
N ARG A 411 -18.20 -15.03 -17.14
CA ARG A 411 -18.63 -14.72 -15.77
C ARG A 411 -19.98 -14.01 -15.76
N VAL A 412 -20.20 -13.11 -16.72
CA VAL A 412 -21.53 -12.50 -16.88
C VAL A 412 -22.62 -13.58 -17.04
N HIS A 413 -22.37 -14.54 -17.93
CA HIS A 413 -23.30 -15.65 -18.18
C HIS A 413 -23.45 -16.49 -16.91
N PHE A 414 -22.34 -16.71 -16.21
CA PHE A 414 -22.36 -17.43 -14.93
C PHE A 414 -23.31 -16.79 -13.92
N TYR A 415 -23.14 -15.50 -13.63
CA TYR A 415 -24.03 -14.83 -12.65
C TYR A 415 -25.48 -14.78 -13.09
N ARG A 416 -25.73 -14.49 -14.37
CA ARG A 416 -27.11 -14.48 -14.86
C ARG A 416 -27.81 -15.82 -14.64
N SER A 417 -27.15 -16.91 -15.03
CA SER A 417 -27.70 -18.26 -14.93
C SER A 417 -27.86 -18.69 -13.47
N TYR A 418 -26.81 -18.51 -12.66
CA TYR A 418 -26.90 -18.93 -11.26
C TYR A 418 -27.93 -18.12 -10.47
N LEU A 419 -27.98 -16.80 -10.70
CA LEU A 419 -28.98 -15.95 -10.03
C LEU A 419 -30.41 -16.26 -10.51
N THR A 420 -30.56 -16.68 -11.77
CA THR A 420 -31.86 -17.11 -12.29
C THR A 420 -32.35 -18.37 -11.53
N GLN A 421 -31.42 -19.27 -11.27
CA GLN A 421 -31.72 -20.49 -10.53
C GLN A 421 -32.00 -20.21 -9.05
N LEU A 422 -31.25 -19.28 -8.46
CA LEU A 422 -31.54 -18.85 -7.09
C LEU A 422 -32.94 -18.22 -7.03
N LYS A 423 -33.24 -17.35 -7.99
CA LYS A 423 -34.57 -16.73 -8.09
C LYS A 423 -35.67 -17.80 -8.13
N LYS A 424 -35.47 -18.85 -8.93
CA LYS A 424 -36.42 -19.97 -9.04
C LYS A 424 -36.70 -20.59 -7.65
N ALA A 425 -35.63 -20.90 -6.92
CA ALA A 425 -35.77 -21.45 -5.56
C ALA A 425 -36.48 -20.49 -4.60
N ILE A 426 -36.13 -19.19 -4.67
CA ILE A 426 -36.77 -18.21 -3.79
C ILE A 426 -38.27 -18.08 -4.12
N ASP A 427 -38.58 -18.05 -5.41
CA ASP A 427 -39.97 -17.93 -5.86
C ASP A 427 -40.77 -19.17 -5.46
N GLU A 428 -40.10 -20.29 -5.19
CA GLU A 428 -40.79 -21.48 -4.67
C GLU A 428 -40.90 -21.48 -3.15
N GLY A 429 -40.37 -20.46 -2.49
CA GLY A 429 -40.55 -20.30 -1.05
C GLY A 429 -39.30 -20.42 -0.19
N ALA A 430 -38.12 -20.57 -0.80
CA ALA A 430 -36.88 -20.72 0.01
C ALA A 430 -36.58 -19.41 0.73
N ASN A 431 -36.23 -19.50 2.01
CA ASN A 431 -35.98 -18.31 2.82
C ASN A 431 -34.54 -17.81 2.66
N VAL A 432 -34.23 -17.31 1.47
CA VAL A 432 -32.91 -16.74 1.20
C VAL A 432 -32.96 -15.20 1.39
N ALA A 433 -32.08 -14.68 2.24
CA ALA A 433 -32.12 -13.27 2.65
C ALA A 433 -31.15 -12.39 1.89
N GLY A 434 -30.19 -13.01 1.22
CA GLY A 434 -29.12 -12.26 0.56
C GLY A 434 -28.23 -13.12 -0.32
N TYR A 435 -27.45 -12.43 -1.13
CA TYR A 435 -26.53 -13.04 -2.08
C TYR A 435 -25.26 -12.18 -2.19
N PHE A 436 -24.11 -12.86 -2.13
CA PHE A 436 -22.78 -12.23 -2.12
C PHE A 436 -21.90 -12.89 -3.16
N ALA A 437 -21.33 -12.07 -4.06
CA ALA A 437 -20.46 -12.57 -5.13
C ALA A 437 -19.04 -12.72 -4.63
N TRP A 438 -18.46 -13.91 -4.83
CA TRP A 438 -17.01 -14.08 -4.63
C TRP A 438 -16.35 -13.89 -6.02
N SER A 439 -15.53 -12.84 -6.23
CA SER A 439 -15.11 -11.88 -5.23
C SER A 439 -15.24 -10.46 -5.79
N LEU A 440 -15.23 -9.46 -4.91
CA LEU A 440 -15.11 -8.07 -5.36
C LEU A 440 -13.88 -7.94 -6.26
N LEU A 441 -12.77 -8.54 -5.85
CA LEU A 441 -11.45 -8.34 -6.49
C LEU A 441 -10.79 -9.66 -6.84
N ASP A 442 -10.03 -9.67 -7.95
CA ASP A 442 -9.05 -10.74 -8.14
C ASP A 442 -8.15 -10.72 -6.88
N ASN A 443 -7.74 -11.88 -6.41
CA ASN A 443 -7.03 -11.91 -5.14
C ASN A 443 -6.14 -13.14 -4.99
N PHE A 444 -5.65 -13.37 -3.78
CA PHE A 444 -4.77 -14.53 -3.55
C PHE A 444 -5.62 -15.79 -3.39
N GLU A 445 -5.62 -16.65 -4.41
CA GLU A 445 -6.47 -17.85 -4.41
C GLU A 445 -5.74 -19.06 -3.83
N TRP A 446 -5.34 -18.95 -2.56
CA TRP A 446 -4.78 -20.05 -1.78
C TRP A 446 -3.70 -20.84 -2.55
N LEU A 447 -3.87 -22.15 -2.78
CA LEU A 447 -2.82 -22.91 -3.47
C LEU A 447 -2.51 -22.42 -4.88
N SER A 448 -3.49 -21.77 -5.53
CA SER A 448 -3.33 -21.24 -6.88
C SER A 448 -2.66 -19.87 -6.91
N GLY A 449 -2.43 -19.28 -5.73
CA GLY A 449 -1.85 -17.95 -5.66
C GLY A 449 -2.59 -16.98 -6.55
N TYR A 450 -1.86 -16.21 -7.36
CA TYR A 450 -2.46 -15.20 -8.24
C TYR A 450 -2.73 -15.73 -9.66
N THR A 451 -2.71 -17.05 -9.81
CA THR A 451 -2.98 -17.69 -11.10
C THR A 451 -4.46 -17.92 -11.38
N SER A 452 -5.30 -17.62 -10.38
CA SER A 452 -6.75 -17.78 -10.51
C SER A 452 -7.41 -16.43 -10.20
N LYS A 453 -8.26 -15.94 -11.11
CA LYS A 453 -8.85 -14.63 -10.99
C LYS A 453 -10.38 -14.74 -10.82
N PHE A 454 -10.84 -14.56 -9.58
CA PHE A 454 -12.28 -14.66 -9.24
C PHE A 454 -13.06 -13.32 -9.22
N GLY A 455 -12.37 -12.18 -9.39
CA GLY A 455 -13.03 -10.89 -9.10
C GLY A 455 -14.00 -10.44 -10.19
N ILE A 456 -14.97 -9.60 -9.81
CA ILE A 456 -15.75 -8.86 -10.80
C ILE A 456 -14.99 -7.56 -11.10
N VAL A 457 -13.97 -7.27 -10.28
CA VAL A 457 -13.04 -6.17 -10.53
C VAL A 457 -11.66 -6.76 -10.77
N TYR A 458 -11.04 -6.39 -11.88
CA TYR A 458 -9.69 -6.82 -12.21
C TYR A 458 -8.66 -6.11 -11.36
N VAL A 459 -7.68 -6.85 -10.84
CA VAL A 459 -6.57 -6.22 -10.13
C VAL A 459 -5.30 -6.53 -10.91
N ASP A 460 -4.60 -5.48 -11.32
CA ASP A 460 -3.31 -5.64 -12.00
C ASP A 460 -2.30 -5.88 -10.88
N PHE A 461 -1.77 -7.09 -10.79
CA PHE A 461 -0.90 -7.38 -9.65
C PHE A 461 0.53 -6.80 -9.73
N ASN A 462 0.85 -6.11 -10.81
CA ASN A 462 2.11 -5.39 -10.90
C ASN A 462 1.96 -3.97 -10.34
N THR A 463 0.87 -3.30 -10.73
CA THR A 463 0.65 -1.90 -10.37
C THR A 463 -0.37 -1.71 -9.23
N LEU A 464 -1.11 -2.79 -8.95
CA LEU A 464 -2.23 -2.81 -7.98
C LEU A 464 -3.49 -2.03 -8.39
N GLU A 465 -3.49 -1.49 -9.61
CA GLU A 465 -4.70 -0.78 -10.11
C GLU A 465 -5.93 -1.68 -10.19
N ARG A 466 -7.10 -1.11 -9.87
CA ARG A 466 -8.40 -1.78 -10.05
C ARG A 466 -9.06 -1.33 -11.35
N HIS A 467 -9.70 -2.26 -12.06
CA HIS A 467 -10.49 -1.92 -13.26
C HIS A 467 -11.72 -2.83 -13.24
N PRO A 468 -12.94 -2.26 -13.14
CA PRO A 468 -14.15 -3.09 -13.19
C PRO A 468 -14.26 -3.90 -14.48
N LYS A 469 -14.59 -5.17 -14.37
CA LYS A 469 -14.81 -6.05 -15.54
C LYS A 469 -16.27 -5.88 -16.01
N ALA A 470 -16.61 -6.46 -17.15
CA ALA A 470 -17.99 -6.45 -17.64
C ALA A 470 -18.98 -6.97 -16.58
N SER A 471 -18.58 -8.00 -15.82
CA SER A 471 -19.47 -8.57 -14.79
C SER A 471 -19.79 -7.53 -13.68
N ALA A 472 -18.84 -6.66 -13.35
CA ALA A 472 -19.11 -5.57 -12.39
C ALA A 472 -20.19 -4.63 -12.93
N TYR A 473 -20.07 -4.28 -14.21
CA TYR A 473 -21.06 -3.39 -14.85
C TYR A 473 -22.42 -4.08 -14.99
N TRP A 474 -22.40 -5.39 -15.22
CA TRP A 474 -23.61 -6.20 -15.17
C TRP A 474 -24.32 -6.04 -13.83
N PHE A 475 -23.58 -6.23 -12.74
CA PHE A 475 -24.15 -6.06 -11.41
C PHE A 475 -24.69 -4.64 -11.20
N ARG A 476 -23.92 -3.67 -11.66
CA ARG A 476 -24.31 -2.28 -11.48
C ARG A 476 -25.66 -2.06 -12.16
N ASP A 477 -25.81 -2.60 -13.38
CA ASP A 477 -27.06 -2.43 -14.14
C ASP A 477 -28.20 -3.19 -13.47
N MET A 478 -27.93 -4.42 -13.03
CA MET A 478 -28.97 -5.26 -12.41
C MET A 478 -29.46 -4.68 -11.08
N LEU A 479 -28.54 -4.08 -10.34
CA LEU A 479 -28.80 -3.65 -8.98
C LEU A 479 -29.23 -2.18 -8.83
N LYS A 480 -29.37 -1.45 -9.93
CA LYS A 480 -29.69 -0.03 -9.82
C LYS A 480 -31.03 0.17 -9.05
N HIS A 481 -31.05 1.15 -8.16
CA HIS A 481 -32.18 1.39 -7.24
C HIS A 481 -33.34 2.14 -7.87
N ASN B 10 -0.53 29.42 -28.56
CA ASN B 10 -0.67 27.99 -28.23
C ASN B 10 -0.17 27.74 -26.81
N TRP B 11 -0.74 26.74 -26.13
CA TRP B 11 -0.54 26.58 -24.70
C TRP B 11 0.89 26.15 -24.29
N LEU B 12 1.63 25.61 -25.25
CA LEU B 12 3.05 25.27 -25.03
C LEU B 12 3.96 26.49 -25.13
N GLY B 13 3.45 27.58 -25.72
CA GLY B 13 4.22 28.82 -25.82
C GLY B 13 5.52 28.63 -26.58
N GLY B 14 5.45 27.83 -27.65
CA GLY B 14 6.62 27.55 -28.49
C GLY B 14 7.61 26.55 -27.90
N LEU B 15 7.28 25.97 -26.75
CA LEU B 15 8.18 25.02 -26.12
C LEU B 15 7.95 23.59 -26.62
N SER B 16 9.04 22.84 -26.68
CA SER B 16 9.04 21.45 -27.17
C SER B 16 10.45 20.93 -26.95
N ARG B 17 10.68 19.65 -27.22
CA ARG B 17 12.05 19.14 -27.09
C ARG B 17 13.01 19.85 -28.06
N ALA B 18 12.49 20.27 -29.21
CA ALA B 18 13.28 21.00 -30.19
C ALA B 18 13.79 22.34 -29.65
N ALA B 19 13.09 22.91 -28.66
CA ALA B 19 13.46 24.19 -28.09
C ALA B 19 14.58 24.10 -27.04
N PHE B 20 14.99 22.87 -26.73
CA PHE B 20 16.08 22.62 -25.79
C PHE B 20 17.21 21.84 -26.47
N PRO B 21 18.42 21.87 -25.88
CA PRO B 21 19.55 21.17 -26.50
C PRO B 21 19.28 19.70 -26.73
N LYS B 22 20.00 19.13 -27.69
CA LYS B 22 19.87 17.71 -28.00
C LYS B 22 20.27 16.93 -26.75
N ARG B 23 19.51 15.88 -26.45
CA ARG B 23 19.83 15.04 -25.28
C ARG B 23 19.53 15.72 -23.93
N PHE B 24 18.87 16.88 -23.93
CA PHE B 24 18.48 17.53 -22.67
C PHE B 24 17.48 16.63 -21.94
N VAL B 25 17.70 16.46 -20.63
CA VAL B 25 16.97 15.51 -19.79
C VAL B 25 15.80 16.18 -19.08
N PHE B 26 14.58 15.66 -19.29
CA PHE B 26 13.42 16.10 -18.52
C PHE B 26 12.95 15.02 -17.57
N GLY B 27 12.70 15.37 -16.32
CA GLY B 27 12.23 14.37 -15.35
C GLY B 27 11.27 14.96 -14.33
N THR B 28 10.84 14.11 -13.38
CA THR B 28 10.04 14.53 -12.23
C THR B 28 10.80 14.07 -10.99
N VAL B 29 10.42 14.58 -9.83
CA VAL B 29 11.19 14.38 -8.61
C VAL B 29 10.27 14.04 -7.46
N THR B 30 10.74 13.15 -6.61
CA THR B 30 10.16 12.91 -5.28
C THR B 30 11.30 12.75 -4.28
N SER B 31 10.97 12.52 -3.02
CA SER B 31 11.96 12.10 -2.02
C SER B 31 11.33 10.99 -1.20
N ALA B 32 12.18 10.20 -0.54
CA ALA B 32 11.74 8.95 0.10
C ALA B 32 10.64 9.17 1.11
N TYR B 33 10.92 9.99 2.11
CA TYR B 33 9.96 10.18 3.19
C TYR B 33 8.69 10.84 2.70
N GLN B 34 8.80 11.63 1.65
CA GLN B 34 7.65 12.40 1.18
C GLN B 34 6.69 11.57 0.36
N VAL B 35 7.17 10.47 -0.24
CA VAL B 35 6.26 9.62 -1.05
C VAL B 35 6.16 8.14 -0.73
N GLU B 36 7.19 7.54 -0.11
CA GLU B 36 7.23 6.06 -0.05
C GLU B 36 6.13 5.45 0.81
N GLY B 37 5.90 6.04 1.97
CA GLY B 37 5.09 5.36 3.00
C GLY B 37 5.90 4.18 3.54
N MET B 38 5.21 3.19 4.10
CA MET B 38 5.86 2.07 4.80
C MET B 38 7.01 2.51 5.71
N ALA B 39 6.77 3.58 6.48
CA ALA B 39 7.83 4.25 7.24
C ALA B 39 8.35 3.35 8.36
N ALA B 40 7.44 2.55 8.94
CA ALA B 40 7.81 1.64 10.02
C ALA B 40 7.54 0.21 9.61
N SER B 41 7.65 -0.06 8.32
CA SER B 41 7.42 -1.40 7.80
C SER B 41 8.52 -1.77 6.82
N GLY B 42 8.55 -3.02 6.37
CA GLY B 42 9.60 -3.47 5.43
C GLY B 42 11.00 -3.43 6.03
N GLY B 43 11.06 -3.45 7.36
CA GLY B 43 12.36 -3.40 8.08
C GLY B 43 12.95 -2.00 8.24
N ARG B 44 12.26 -0.97 7.77
CA ARG B 44 12.80 0.42 7.86
C ARG B 44 12.94 0.90 9.29
N GLY B 45 14.09 1.50 9.62
CA GLY B 45 14.27 2.14 10.92
C GLY B 45 13.81 3.60 10.87
N PRO B 46 13.55 4.20 12.04
CA PRO B 46 13.06 5.59 12.03
C PRO B 46 14.15 6.58 11.63
N SER B 47 13.74 7.67 10.98
CA SER B 47 14.62 8.80 10.73
C SER B 47 14.28 9.91 11.72
N ILE B 48 15.08 10.96 11.73
CA ILE B 48 14.76 12.11 12.59
C ILE B 48 13.40 12.71 12.23
N TRP B 49 12.98 12.57 10.97
CA TRP B 49 11.66 13.06 10.55
C TRP B 49 10.47 12.22 11.06
N ASP B 50 10.69 10.91 11.24
CA ASP B 50 9.64 10.06 11.81
C ASP B 50 9.34 10.53 13.23
N ALA B 51 10.41 10.70 14.03
CA ALA B 51 10.26 11.17 15.42
C ALA B 51 9.62 12.56 15.48
N PHE B 52 10.10 13.46 14.63
CA PHE B 52 9.62 14.84 14.60
C PHE B 52 8.14 14.85 14.21
N ALA B 53 7.78 14.14 13.14
CA ALA B 53 6.41 14.19 12.62
C ALA B 53 5.39 13.54 13.56
N HIS B 54 5.86 12.58 14.37
CA HIS B 54 4.98 11.92 15.35
C HIS B 54 4.79 12.68 16.67
N THR B 55 5.45 13.82 16.81
CA THR B 55 5.27 14.67 17.99
C THR B 55 4.09 15.61 17.72
N PRO B 56 3.05 15.57 18.58
CA PRO B 56 1.88 16.42 18.33
C PRO B 56 2.26 17.90 18.20
N GLY B 57 1.66 18.58 17.23
CA GLY B 57 1.92 19.98 16.94
C GLY B 57 3.03 20.30 15.96
N ASN B 58 3.86 19.32 15.62
CA ASN B 58 5.02 19.61 14.78
C ASN B 58 4.63 19.79 13.33
N VAL B 59 3.62 19.05 12.90
CA VAL B 59 3.23 19.05 11.48
C VAL B 59 1.76 19.46 11.40
N ALA B 60 1.37 20.17 10.34
CA ALA B 60 -0.06 20.46 10.11
C ALA B 60 -0.94 19.21 10.27
N GLY B 61 -2.00 19.34 11.07
CA GLY B 61 -2.97 18.25 11.29
C GLY B 61 -2.38 17.06 12.03
N ASN B 62 -1.22 17.24 12.64
CA ASN B 62 -0.43 16.13 13.25
C ASN B 62 -0.19 14.98 12.23
N GLN B 63 -0.01 15.36 10.96
CA GLN B 63 0.16 14.37 9.92
C GLN B 63 1.61 13.91 9.85
N ASN B 64 1.83 12.82 9.14
CA ASN B 64 3.17 12.25 9.04
C ASN B 64 3.29 11.46 7.76
N GLY B 65 4.47 10.92 7.51
CA GLY B 65 4.73 10.14 6.31
C GLY B 65 4.62 8.66 6.48
N ASP B 66 3.88 8.20 7.50
CA ASP B 66 3.69 6.75 7.69
C ASP B 66 3.22 6.05 6.40
N VAL B 67 2.23 6.64 5.74
CA VAL B 67 1.67 6.07 4.49
C VAL B 67 2.05 6.94 3.30
N ALA B 68 1.99 8.26 3.48
CA ALA B 68 2.34 9.21 2.40
C ALA B 68 1.57 8.84 1.12
N THR B 69 2.22 8.69 -0.03
CA THR B 69 1.49 8.31 -1.27
C THR B 69 1.48 6.79 -1.48
N ASP B 70 2.15 6.05 -0.58
CA ASP B 70 2.30 4.59 -0.67
C ASP B 70 3.00 4.19 -1.96
N GLN B 71 3.98 4.99 -2.40
CA GLN B 71 4.72 4.62 -3.59
C GLN B 71 5.43 3.29 -3.38
N TYR B 72 5.70 2.93 -2.13
CA TYR B 72 6.35 1.65 -1.83
C TYR B 72 5.61 0.47 -2.47
N HIS B 73 4.28 0.47 -2.39
CA HIS B 73 3.50 -0.58 -3.03
C HIS B 73 3.11 -0.28 -4.48
N ARG B 74 3.04 0.99 -4.84
CA ARG B 74 2.43 1.35 -6.14
C ARG B 74 3.45 1.86 -7.14
N TYR B 75 4.74 1.62 -6.90
CA TYR B 75 5.79 2.26 -7.74
C TYR B 75 5.63 1.97 -9.23
N LYS B 76 5.13 0.78 -9.60
CA LYS B 76 4.98 0.46 -11.01
C LYS B 76 3.88 1.29 -11.64
N GLU B 77 2.81 1.56 -10.88
CA GLU B 77 1.80 2.50 -11.37
C GLU B 77 2.44 3.88 -11.65
N ASP B 78 3.24 4.36 -10.70
CA ASP B 78 3.83 5.70 -10.83
C ASP B 78 4.85 5.76 -11.98
N VAL B 79 5.65 4.71 -12.16
CA VAL B 79 6.61 4.66 -13.28
C VAL B 79 5.85 4.62 -14.64
N ASN B 80 4.81 3.80 -14.72
CA ASN B 80 3.99 3.77 -15.94
C ASN B 80 3.47 5.16 -16.28
N LEU B 81 3.00 5.87 -15.25
CA LEU B 81 2.47 7.22 -15.41
C LEU B 81 3.56 8.18 -15.92
N MET B 82 4.75 8.15 -15.32
CA MET B 82 5.79 9.08 -15.76
C MET B 82 6.21 8.80 -17.20
N LYS B 83 6.21 7.52 -17.59
CA LYS B 83 6.55 7.17 -18.96
C LYS B 83 5.44 7.66 -19.89
N SER B 84 4.18 7.51 -19.47
CA SER B 84 3.05 7.97 -20.31
C SER B 84 3.08 9.48 -20.55
N LEU B 85 3.74 10.19 -19.63
CA LEU B 85 3.83 11.64 -19.71
C LEU B 85 5.08 12.11 -20.46
N ASN B 86 5.80 11.16 -21.07
CA ASN B 86 6.98 11.46 -21.92
C ASN B 86 8.23 11.99 -21.21
N PHE B 87 8.33 11.76 -19.89
CA PHE B 87 9.58 12.10 -19.19
C PHE B 87 10.67 11.11 -19.51
N ASP B 88 11.93 11.55 -19.42
CA ASP B 88 13.11 10.72 -19.65
C ASP B 88 13.73 10.14 -18.40
N ALA B 89 13.45 10.74 -17.24
CA ALA B 89 14.22 10.49 -16.04
C ALA B 89 13.38 10.68 -14.78
N TYR B 90 13.83 10.10 -13.68
CA TYR B 90 13.12 10.21 -12.42
C TYR B 90 14.16 10.38 -11.34
N ARG B 91 14.04 11.49 -10.63
CA ARG B 91 14.90 11.72 -9.47
C ARG B 91 14.14 11.30 -8.22
N PHE B 92 14.73 10.36 -7.47
CA PHE B 92 14.15 9.93 -6.22
C PHE B 92 15.27 9.75 -5.19
N SER B 93 14.93 9.54 -3.94
CA SER B 93 15.98 9.31 -2.96
C SER B 93 15.90 7.93 -2.34
N ILE B 94 17.03 7.47 -1.82
CA ILE B 94 17.08 6.25 -1.04
C ILE B 94 17.07 6.65 0.41
N SER B 95 16.15 6.05 1.17
CA SER B 95 16.09 6.26 2.62
C SER B 95 17.21 5.48 3.32
N TRP B 96 18.15 6.23 3.91
CA TRP B 96 19.29 5.63 4.60
C TRP B 96 18.80 4.62 5.64
N SER B 97 17.76 4.98 6.39
CA SER B 97 17.28 4.06 7.44
C SER B 97 16.47 2.87 6.96
N ARG B 98 16.08 2.87 5.69
CA ARG B 98 15.44 1.70 5.08
C ARG B 98 16.52 0.67 4.70
N ILE B 99 17.72 1.15 4.37
CA ILE B 99 18.88 0.28 4.08
C ILE B 99 19.61 -0.17 5.35
N PHE B 100 19.97 0.79 6.19
CA PHE B 100 20.61 0.52 7.47
C PHE B 100 19.70 1.08 8.54
N PRO B 101 18.86 0.23 9.17
CA PRO B 101 17.89 0.80 10.14
C PRO B 101 18.54 1.60 11.27
N ASP B 102 19.78 1.24 11.65
CA ASP B 102 20.53 1.96 12.69
C ASP B 102 21.58 2.92 12.09
N GLY B 103 21.58 3.04 10.77
CA GLY B 103 22.46 3.99 10.09
C GLY B 103 23.86 3.45 9.84
N GLU B 104 24.15 2.30 10.46
CA GLU B 104 25.47 1.64 10.41
C GLU B 104 25.20 0.18 10.74
N GLY B 105 26.12 -0.72 10.39
CA GLY B 105 25.94 -2.14 10.77
C GLY B 105 25.02 -2.96 9.85
N ARG B 106 23.95 -3.50 10.42
CA ARG B 106 23.11 -4.51 9.76
C ARG B 106 22.36 -3.92 8.56
N VAL B 107 22.42 -4.61 7.42
CA VAL B 107 21.67 -4.24 6.24
C VAL B 107 20.27 -4.84 6.31
N ASN B 108 19.28 -4.00 5.98
CA ASN B 108 17.90 -4.48 5.82
C ASN B 108 17.70 -4.96 4.38
N GLN B 109 17.79 -6.28 4.16
CA GLN B 109 17.71 -6.82 2.80
C GLN B 109 16.40 -6.49 2.11
N GLU B 110 15.30 -6.42 2.88
CA GLU B 110 14.01 -6.11 2.28
C GLU B 110 14.01 -4.68 1.68
N GLY B 111 14.69 -3.76 2.37
CA GLY B 111 14.86 -2.38 1.89
C GLY B 111 15.70 -2.33 0.62
N VAL B 112 16.80 -3.09 0.63
CA VAL B 112 17.62 -3.20 -0.60
C VAL B 112 16.82 -3.71 -1.79
N ALA B 113 15.97 -4.70 -1.54
CA ALA B 113 15.15 -5.31 -2.59
C ALA B 113 14.16 -4.29 -3.19
N TYR B 114 13.59 -3.44 -2.34
CA TYR B 114 12.68 -2.39 -2.84
C TYR B 114 13.37 -1.49 -3.87
N TYR B 115 14.55 -0.98 -3.52
CA TYR B 115 15.26 -0.08 -4.43
C TYR B 115 15.74 -0.81 -5.68
N ASN B 116 16.15 -2.07 -5.53
CA ASN B 116 16.48 -2.85 -6.72
C ASN B 116 15.28 -2.96 -7.66
N ASN B 117 14.12 -3.27 -7.10
CA ASN B 117 12.88 -3.43 -7.86
C ASN B 117 12.48 -2.14 -8.56
N LEU B 118 12.58 -1.02 -7.83
CA LEU B 118 12.29 0.30 -8.41
C LEU B 118 13.25 0.68 -9.55
N ILE B 119 14.55 0.58 -9.27
CA ILE B 119 15.59 0.83 -10.26
C ILE B 119 15.38 -0.05 -11.50
N ASN B 120 15.14 -1.35 -11.27
CA ASN B 120 14.99 -2.26 -12.40
C ASN B 120 13.75 -1.95 -13.24
N TYR B 121 12.67 -1.54 -12.58
CA TYR B 121 11.46 -1.23 -13.34
C TYR B 121 11.63 0.05 -14.13
N LEU B 122 12.27 1.06 -13.51
CA LEU B 122 12.59 2.31 -14.22
C LEU B 122 13.32 2.02 -15.51
N LEU B 123 14.39 1.24 -15.40
CA LEU B 123 15.20 0.92 -16.57
C LEU B 123 14.42 0.12 -17.62
N GLN B 124 13.62 -0.83 -17.14
CA GLN B 124 12.78 -1.64 -18.04
C GLN B 124 11.87 -0.72 -18.86
N LYS B 125 11.38 0.34 -18.23
CA LYS B 125 10.49 1.29 -18.89
C LYS B 125 11.18 2.46 -19.60
N GLY B 126 12.52 2.43 -19.65
CA GLY B 126 13.31 3.47 -20.34
C GLY B 126 13.34 4.80 -19.61
N ILE B 127 13.25 4.77 -18.28
CA ILE B 127 13.35 6.00 -17.49
C ILE B 127 14.67 5.96 -16.71
N THR B 128 15.49 7.01 -16.85
CA THR B 128 16.80 7.04 -16.22
C THR B 128 16.70 7.40 -14.72
N PRO B 129 17.22 6.54 -13.85
CA PRO B 129 17.22 6.88 -12.43
C PRO B 129 18.31 7.90 -12.07
N TYR B 130 17.90 8.95 -11.37
CA TYR B 130 18.80 9.93 -10.77
C TYR B 130 18.58 9.78 -9.29
N VAL B 131 19.61 9.32 -8.58
CA VAL B 131 19.38 8.84 -7.22
C VAL B 131 20.10 9.66 -6.17
N ASN B 132 19.31 10.29 -5.30
CA ASN B 132 19.81 10.95 -4.10
C ASN B 132 20.05 10.00 -2.95
N LEU B 133 21.20 10.12 -2.30
CA LEU B 133 21.47 9.27 -1.12
C LEU B 133 20.79 9.81 0.14
N TYR B 134 20.50 11.11 0.16
CA TYR B 134 20.08 11.75 1.42
C TYR B 134 19.12 12.89 1.11
N HIS B 135 17.97 12.88 1.79
CA HIS B 135 16.97 13.92 1.61
C HIS B 135 16.28 14.20 2.94
N TYR B 136 16.99 14.88 3.85
CA TYR B 136 16.49 15.32 5.16
C TYR B 136 16.30 14.20 6.19
N ASP B 137 16.58 12.97 5.81
CA ASP B 137 16.11 11.81 6.57
C ASP B 137 17.21 11.01 7.30
N LEU B 138 18.05 11.71 8.05
CA LEU B 138 19.07 11.05 8.89
C LEU B 138 18.47 9.95 9.78
N PRO B 139 19.07 8.74 9.79
CA PRO B 139 18.60 7.69 10.73
C PRO B 139 18.59 8.21 12.16
N LEU B 140 17.47 7.98 12.85
CA LEU B 140 17.33 8.49 14.22
C LEU B 140 18.47 8.00 15.12
N ALA B 141 18.92 6.76 14.90
CA ALA B 141 19.98 6.17 15.72
C ALA B 141 21.29 6.97 15.63
N LEU B 142 21.56 7.54 14.46
CA LEU B 142 22.79 8.34 14.27
C LEU B 142 22.69 9.70 14.92
N GLU B 143 21.48 10.27 14.90
CA GLU B 143 21.26 11.51 15.63
C GLU B 143 21.55 11.28 17.12
N LYS B 144 21.03 10.17 17.64
CA LYS B 144 21.11 9.92 19.07
C LYS B 144 22.52 9.53 19.53
N LYS B 145 23.17 8.68 18.76
CA LYS B 145 24.48 8.15 19.12
C LYS B 145 25.60 9.18 18.87
N TYR B 146 25.52 9.88 17.75
CA TYR B 146 26.63 10.73 17.30
C TYR B 146 26.36 12.24 17.36
N GLY B 147 25.10 12.63 17.47
CA GLY B 147 24.76 14.06 17.36
C GLY B 147 24.56 14.50 15.91
N GLY B 148 24.41 13.54 15.00
CA GLY B 148 24.13 13.86 13.60
C GLY B 148 25.18 14.78 12.97
N TRP B 149 24.71 15.79 12.23
CA TRP B 149 25.60 16.61 11.41
C TRP B 149 26.52 17.54 12.19
N LEU B 150 26.36 17.60 13.51
CA LEU B 150 27.32 18.32 14.33
C LEU B 150 28.65 17.57 14.43
N ASN B 151 28.61 16.27 14.18
CA ASN B 151 29.78 15.40 14.41
C ASN B 151 30.56 15.17 13.13
N ALA B 152 31.86 15.50 13.14
CA ALA B 152 32.69 15.26 11.94
C ALA B 152 32.75 13.78 11.55
N LYS B 153 32.43 12.88 12.48
CA LYS B 153 32.37 11.44 12.16
C LYS B 153 31.32 11.08 11.08
N MET B 154 30.40 12.01 10.83
CA MET B 154 29.42 11.82 9.76
C MET B 154 30.07 11.59 8.41
N ALA B 155 31.25 12.17 8.16
CA ALA B 155 31.94 11.86 6.89
C ALA B 155 32.20 10.36 6.71
N ASP B 156 32.75 9.69 7.74
CA ASP B 156 32.96 8.24 7.70
C ASP B 156 31.64 7.48 7.59
N LEU B 157 30.65 7.87 8.39
CA LEU B 157 29.38 7.16 8.44
C LEU B 157 28.66 7.29 7.11
N PHE B 158 28.68 8.49 6.55
CA PHE B 158 28.02 8.71 5.26
C PHE B 158 28.75 7.99 4.13
N THR B 159 30.08 8.03 4.16
CA THR B 159 30.86 7.35 3.14
C THR B 159 30.61 5.86 3.11
N GLU B 160 30.49 5.24 4.28
CA GLU B 160 30.23 3.80 4.35
C GLU B 160 28.86 3.46 3.78
N TYR B 161 27.87 4.31 4.06
CA TYR B 161 26.54 4.15 3.49
C TYR B 161 26.57 4.33 1.97
N ALA B 162 27.25 5.39 1.52
CA ALA B 162 27.38 5.67 0.08
C ALA B 162 28.08 4.53 -0.65
N ASP B 163 29.16 4.02 -0.04
CA ASP B 163 29.91 2.87 -0.57
C ASP B 163 28.97 1.69 -0.80
N PHE B 164 28.17 1.35 0.21
CA PHE B 164 27.20 0.26 0.06
C PHE B 164 26.27 0.49 -1.11
N CYS B 165 25.73 1.69 -1.21
CA CYS B 165 24.85 2.02 -2.34
C CYS B 165 25.57 1.92 -3.70
N PHE B 166 26.80 2.43 -3.78
CA PHE B 166 27.53 2.33 -5.06
C PHE B 166 27.73 0.85 -5.47
N LYS B 167 28.18 0.03 -4.51
CA LYS B 167 28.42 -1.39 -4.74
C LYS B 167 27.13 -2.12 -5.17
N THR B 168 26.04 -1.80 -4.49
CA THR B 168 24.79 -2.53 -4.65
C THR B 168 23.98 -2.13 -5.89
N PHE B 169 23.99 -0.84 -6.24
CA PHE B 169 23.12 -0.30 -7.30
C PHE B 169 23.89 0.31 -8.46
N GLY B 170 25.18 0.56 -8.26
CA GLY B 170 25.96 1.39 -9.20
C GLY B 170 26.25 0.72 -10.54
N ASN B 171 26.09 -0.59 -10.64
CA ASN B 171 26.14 -1.21 -11.97
C ASN B 171 24.99 -0.77 -12.86
N ARG B 172 23.90 -0.32 -12.24
CA ARG B 172 22.72 0.16 -12.98
C ARG B 172 22.49 1.68 -12.86
N VAL B 173 22.74 2.23 -11.67
CA VAL B 173 22.59 3.68 -11.45
C VAL B 173 23.85 4.43 -11.86
N LYS B 174 23.70 5.40 -12.75
CA LYS B 174 24.85 6.12 -13.30
C LYS B 174 24.82 7.61 -12.97
N HIS B 175 23.77 8.05 -12.31
CA HIS B 175 23.59 9.47 -11.96
C HIS B 175 23.21 9.56 -10.50
N TRP B 176 24.18 9.92 -9.67
CA TRP B 176 23.96 10.00 -8.22
C TRP B 176 23.95 11.45 -7.74
N PHE B 177 23.30 11.69 -6.61
CA PHE B 177 23.54 12.92 -5.83
C PHE B 177 23.77 12.47 -4.39
N THR B 178 24.62 13.19 -3.67
CA THR B 178 24.87 12.85 -2.27
C THR B 178 23.75 13.47 -1.44
N PHE B 179 23.70 14.80 -1.39
CA PHE B 179 22.76 15.51 -0.51
C PHE B 179 21.76 16.37 -1.25
N ASN B 180 20.66 16.68 -0.54
CA ASN B 180 19.64 17.64 -0.95
C ASN B 180 19.55 18.83 0.02
N GLU B 181 19.92 20.01 -0.48
CA GLU B 181 19.74 21.28 0.22
C GLU B 181 20.36 21.31 1.63
N PRO B 182 21.68 21.12 1.74
CA PRO B 182 22.31 21.22 3.06
C PRO B 182 22.09 22.63 3.67
N ARG B 183 21.91 23.67 2.84
CA ARG B 183 21.61 25.02 3.39
C ARG B 183 20.35 25.01 4.26
N ILE B 184 19.33 24.29 3.81
CA ILE B 184 18.05 24.24 4.52
C ILE B 184 18.14 23.40 5.81
N VAL B 185 18.89 22.30 5.77
CA VAL B 185 19.20 21.59 7.02
C VAL B 185 19.87 22.53 8.03
N ALA B 186 20.93 23.21 7.61
CA ALA B 186 21.63 24.14 8.50
C ALA B 186 20.70 25.26 8.99
N LEU B 187 19.97 25.87 8.07
CA LEU B 187 19.10 26.98 8.44
C LEU B 187 17.94 26.54 9.35
N LEU B 188 17.14 25.57 8.90
CA LEU B 188 15.92 25.23 9.64
C LEU B 188 16.20 24.30 10.84
N GLY B 189 17.25 23.50 10.76
CA GLY B 189 17.54 22.55 11.84
C GLY B 189 18.39 23.12 12.94
N TYR B 190 19.17 24.16 12.63
CA TYR B 190 20.21 24.62 13.55
C TYR B 190 20.28 26.13 13.74
N ASP B 191 19.64 26.89 12.84
CA ASP B 191 19.56 28.34 13.00
C ASP B 191 18.20 28.71 13.58
N GLN B 192 17.14 28.44 12.83
CA GLN B 192 15.80 28.79 13.28
C GLN B 192 15.22 27.71 14.23
N GLY B 193 15.69 26.47 14.08
CA GLY B 193 15.26 25.36 14.93
C GLY B 193 13.83 24.92 14.68
N THR B 194 13.34 25.10 13.46
CA THR B 194 11.95 24.72 13.13
C THR B 194 11.84 23.35 12.43
N ASN B 195 12.97 22.77 12.05
CA ASN B 195 13.00 21.42 11.46
C ASN B 195 13.90 20.58 12.37
N PRO B 196 13.77 19.23 12.31
CA PRO B 196 14.67 18.42 13.16
C PRO B 196 16.15 18.72 12.86
N PRO B 197 17.02 18.71 13.89
CA PRO B 197 16.77 18.36 15.29
C PRO B 197 16.23 19.50 16.17
N LYS B 198 15.67 20.55 15.57
CA LYS B 198 15.07 21.68 16.32
C LYS B 198 16.08 22.35 17.26
N ARG B 199 17.26 22.65 16.72
CA ARG B 199 18.28 23.27 17.53
C ARG B 199 18.39 24.75 17.18
N CYS B 200 18.61 25.58 18.21
CA CYS B 200 18.77 27.02 18.04
C CYS B 200 19.15 27.60 19.39
N THR B 201 19.55 28.87 19.41
CA THR B 201 20.01 29.49 20.65
C THR B 201 18.96 29.39 21.76
N LYS B 202 17.71 29.72 21.43
CA LYS B 202 16.61 29.66 22.43
C LYS B 202 15.97 28.27 22.62
N CYS B 203 16.36 27.28 21.82
CA CYS B 203 15.56 26.06 21.68
C CYS B 203 15.65 25.07 22.86
N ALA B 204 14.53 24.42 23.16
CA ALA B 204 14.47 23.40 24.22
C ALA B 204 15.54 22.31 24.03
N ALA B 205 15.77 21.91 22.79
CA ALA B 205 16.76 20.87 22.49
C ALA B 205 18.22 21.32 22.70
N GLY B 206 18.43 22.62 22.87
CA GLY B 206 19.77 23.19 22.90
C GLY B 206 20.16 23.77 21.55
N GLY B 207 21.37 24.29 21.45
CA GLY B 207 21.86 24.83 20.19
C GLY B 207 22.50 26.20 20.29
N ASN B 208 22.92 26.71 19.12
CA ASN B 208 23.59 27.99 19.03
C ASN B 208 23.48 28.40 17.57
N SER B 209 22.56 29.31 17.30
CA SER B 209 22.21 29.69 15.94
C SER B 209 23.34 30.40 15.20
N ALA B 210 24.32 30.92 15.95
CA ALA B 210 25.50 31.60 15.38
C ALA B 210 26.64 30.67 14.99
N THR B 211 26.65 29.45 15.53
CA THR B 211 27.78 28.55 15.29
C THR B 211 27.40 27.25 14.60
N GLU B 212 26.30 26.64 15.06
CA GLU B 212 25.95 25.31 14.57
C GLU B 212 25.63 25.22 13.07
N PRO B 213 24.94 26.23 12.50
CA PRO B 213 24.69 26.10 11.05
C PRO B 213 26.00 25.99 10.24
N TYR B 214 27.04 26.71 10.66
CA TYR B 214 28.34 26.62 9.99
C TYR B 214 29.03 25.28 10.19
N ILE B 215 28.89 24.70 11.39
CA ILE B 215 29.50 23.42 11.67
C ILE B 215 28.83 22.36 10.76
N VAL B 216 27.52 22.39 10.72
CA VAL B 216 26.72 21.44 9.94
C VAL B 216 27.04 21.54 8.42
N ALA B 217 27.07 22.75 7.87
CA ALA B 217 27.42 22.93 6.45
C ALA B 217 28.80 22.34 6.14
N HIS B 218 29.76 22.61 7.02
CA HIS B 218 31.12 22.15 6.85
C HIS B 218 31.12 20.62 6.79
N ASN B 219 30.40 19.99 7.71
CA ASN B 219 30.32 18.53 7.71
C ASN B 219 29.63 17.94 6.48
N PHE B 220 28.60 18.61 5.97
CA PHE B 220 28.00 18.18 4.69
C PHE B 220 29.02 18.21 3.56
N LEU B 221 29.79 19.30 3.49
CA LEU B 221 30.82 19.45 2.46
C LEU B 221 31.93 18.40 2.57
N LEU B 222 32.42 18.18 3.79
CA LEU B 222 33.43 17.16 4.03
C LEU B 222 32.91 15.74 3.74
N SER B 223 31.65 15.49 4.12
CA SER B 223 31.01 14.19 3.87
C SER B 223 30.79 13.95 2.39
N HIS B 224 30.32 14.99 1.68
CA HIS B 224 30.19 14.91 0.23
C HIS B 224 31.54 14.56 -0.43
N ALA B 225 32.57 15.29 -0.03
CA ALA B 225 33.89 15.09 -0.63
C ALA B 225 34.41 13.68 -0.37
N ALA B 226 34.21 13.18 0.84
CA ALA B 226 34.67 11.82 1.21
C ALA B 226 33.95 10.74 0.42
N ALA B 227 32.63 10.89 0.25
CA ALA B 227 31.82 9.95 -0.53
C ALA B 227 32.26 9.93 -2.00
N VAL B 228 32.50 11.12 -2.55
CA VAL B 228 32.94 11.20 -3.96
C VAL B 228 34.34 10.64 -4.14
N ALA B 229 35.25 10.96 -3.22
CA ALA B 229 36.57 10.32 -3.28
C ALA B 229 36.46 8.78 -3.30
N ARG B 230 35.58 8.22 -2.47
CA ARG B 230 35.39 6.77 -2.46
C ARG B 230 34.82 6.28 -3.78
N TYR B 231 33.85 7.00 -4.32
CA TYR B 231 33.31 6.62 -5.63
C TYR B 231 34.40 6.58 -6.71
N ARG B 232 35.16 7.67 -6.80
CA ARG B 232 36.17 7.79 -7.84
C ARG B 232 37.30 6.78 -7.71
N THR B 233 37.73 6.51 -6.49
CA THR B 233 38.85 5.58 -6.29
C THR B 233 38.48 4.09 -6.38
N LYS B 234 37.25 3.74 -6.01
CA LYS B 234 36.85 2.34 -5.89
C LYS B 234 35.86 1.88 -6.98
N TYR B 235 34.92 2.75 -7.38
CA TYR B 235 33.80 2.32 -8.21
C TYR B 235 33.77 2.87 -9.64
N GLN B 236 34.32 4.06 -9.85
CA GLN B 236 34.11 4.77 -11.12
C GLN B 236 34.70 4.06 -12.33
N ALA B 237 35.91 3.52 -12.19
CA ALA B 237 36.52 2.78 -13.30
C ALA B 237 35.56 1.75 -13.91
N ALA B 238 34.95 0.93 -13.05
CA ALA B 238 34.03 -0.11 -13.51
C ALA B 238 32.66 0.44 -13.89
N GLN B 239 32.13 1.34 -13.07
CA GLN B 239 30.73 1.79 -13.20
C GLN B 239 30.51 2.95 -14.17
N GLN B 240 31.50 3.84 -14.28
CA GLN B 240 31.45 4.93 -15.27
C GLN B 240 30.22 5.82 -15.08
N GLY B 241 29.93 6.09 -13.81
CA GLY B 241 28.83 6.98 -13.44
C GLY B 241 29.34 8.33 -12.96
N LYS B 242 28.42 9.10 -12.37
CA LYS B 242 28.70 10.46 -11.96
C LYS B 242 28.01 10.71 -10.63
N VAL B 243 28.59 11.59 -9.82
CA VAL B 243 28.00 11.96 -8.54
C VAL B 243 28.02 13.49 -8.41
N GLY B 244 26.86 14.07 -8.13
CA GLY B 244 26.76 15.50 -7.83
C GLY B 244 26.16 15.76 -6.45
N ILE B 245 25.60 16.96 -6.31
CA ILE B 245 25.00 17.40 -5.05
C ILE B 245 23.89 18.37 -5.43
N VAL B 246 22.86 18.46 -4.62
CA VAL B 246 21.73 19.32 -4.92
C VAL B 246 21.71 20.46 -3.91
N LEU B 247 21.67 21.69 -4.44
CA LEU B 247 21.68 22.88 -3.62
C LEU B 247 20.46 23.77 -3.95
N ASP B 248 19.85 24.35 -2.93
CA ASP B 248 18.78 25.29 -3.19
C ASP B 248 19.36 26.66 -3.55
N PHE B 249 18.75 27.32 -4.51
CA PHE B 249 19.15 28.66 -4.85
C PHE B 249 17.89 29.41 -5.25
N ASN B 250 17.52 30.40 -4.45
CA ASN B 250 16.50 31.35 -4.88
C ASN B 250 17.20 32.68 -5.19
N TRP B 251 16.63 33.44 -6.13
CA TRP B 251 17.31 34.60 -6.65
C TRP B 251 17.19 35.80 -5.70
N TYR B 252 18.20 36.65 -5.72
CA TYR B 252 18.18 37.91 -4.99
C TYR B 252 18.48 39.02 -5.98
N GLU B 253 17.59 39.99 -6.04
CA GLU B 253 17.70 41.14 -6.92
C GLU B 253 17.83 42.41 -6.11
N ALA B 254 18.84 43.21 -6.40
CA ALA B 254 19.00 44.48 -5.68
C ALA B 254 17.72 45.33 -5.83
N LEU B 255 17.26 45.92 -4.72
CA LEU B 255 16.07 46.80 -4.72
C LEU B 255 16.25 48.02 -5.64
N SER B 256 17.48 48.53 -5.69
CA SER B 256 17.83 49.67 -6.53
C SER B 256 19.25 49.47 -7.01
N ASN B 257 19.72 50.34 -7.89
CA ASN B 257 21.10 50.29 -8.36
C ASN B 257 22.14 50.92 -7.44
N SER B 258 21.74 51.28 -6.22
CA SER B 258 22.67 51.85 -5.25
C SER B 258 23.78 50.86 -4.92
N THR B 259 24.95 51.40 -4.61
CA THR B 259 26.09 50.56 -4.21
C THR B 259 25.69 49.64 -3.06
N GLU B 260 25.01 50.17 -2.06
CA GLU B 260 24.65 49.32 -0.91
C GLU B 260 23.56 48.28 -1.22
N ASP B 261 22.56 48.61 -2.03
CA ASP B 261 21.57 47.59 -2.39
C ASP B 261 22.21 46.50 -3.26
N GLN B 262 23.06 46.89 -4.22
CA GLN B 262 23.75 45.91 -5.05
C GLN B 262 24.66 45.01 -4.20
N ALA B 263 25.32 45.61 -3.21
CA ALA B 263 26.19 44.83 -2.32
C ALA B 263 25.36 43.85 -1.47
N ALA B 264 24.18 44.29 -1.02
CA ALA B 264 23.29 43.43 -0.21
C ALA B 264 22.80 42.22 -1.00
N ALA B 265 22.38 42.47 -2.24
CA ALA B 265 21.92 41.37 -3.08
C ALA B 265 23.04 40.36 -3.27
N GLN B 266 24.26 40.86 -3.51
CA GLN B 266 25.42 40.00 -3.71
C GLN B 266 25.83 39.25 -2.45
N ARG B 267 25.72 39.89 -1.28
CA ARG B 267 26.00 39.21 -0.01
C ARG B 267 25.03 38.05 0.18
N ALA B 268 23.76 38.26 -0.17
CA ALA B 268 22.75 37.22 -0.03
C ALA B 268 23.06 36.03 -0.94
N ARG B 269 23.51 36.30 -2.17
CA ARG B 269 23.86 35.22 -3.10
C ARG B 269 25.01 34.42 -2.49
N ASP B 270 26.02 35.12 -1.99
CA ASP B 270 27.20 34.46 -1.38
C ASP B 270 26.85 33.62 -0.13
N PHE B 271 25.99 34.14 0.74
CA PHE B 271 25.60 33.41 1.95
C PHE B 271 24.61 32.27 1.64
N HIS B 272 23.96 32.36 0.47
CA HIS B 272 22.94 31.39 0.08
C HIS B 272 23.54 30.24 -0.75
N ILE B 273 24.08 30.58 -1.91
CA ILE B 273 24.64 29.56 -2.82
C ILE B 273 26.18 29.50 -2.78
N GLY B 274 26.84 30.64 -2.61
CA GLY B 274 28.30 30.67 -2.56
C GLY B 274 28.85 29.85 -1.41
N TRP B 275 28.11 29.82 -0.29
CA TRP B 275 28.45 28.99 0.87
C TRP B 275 28.89 27.57 0.48
N TYR B 276 28.19 26.98 -0.50
CA TYR B 276 28.52 25.64 -1.03
C TYR B 276 29.27 25.65 -2.34
N LEU B 277 28.95 26.59 -3.23
CA LEU B 277 29.57 26.56 -4.54
C LEU B 277 31.00 27.04 -4.55
N ASP B 278 31.33 28.05 -3.75
CA ASP B 278 32.72 28.48 -3.71
C ASP B 278 33.64 27.32 -3.24
N PRO B 279 33.22 26.58 -2.20
CA PRO B 279 34.04 25.41 -1.88
C PRO B 279 34.07 24.36 -3.01
N LEU B 280 32.91 24.05 -3.57
CA LEU B 280 32.82 22.95 -4.57
C LEU B 280 33.50 23.29 -5.88
N ILE B 281 33.49 24.57 -6.24
CA ILE B 281 34.11 24.96 -7.50
C ILE B 281 35.50 25.55 -7.31
N ASN B 282 35.67 26.37 -6.26
CA ASN B 282 36.91 27.16 -6.08
C ASN B 282 37.77 26.73 -4.91
N GLY B 283 37.28 25.80 -4.09
CA GLY B 283 38.08 25.28 -2.94
C GLY B 283 38.21 26.23 -1.76
N HIS B 284 37.30 27.19 -1.61
CA HIS B 284 37.26 28.04 -0.40
C HIS B 284 35.88 28.58 -0.17
N TYR B 285 35.59 29.01 1.06
CA TYR B 285 34.35 29.71 1.35
C TYR B 285 34.37 31.11 0.73
N PRO B 286 33.18 31.68 0.46
CA PRO B 286 33.14 33.04 -0.09
C PRO B 286 33.92 34.02 0.80
N GLN B 287 34.62 34.97 0.17
CA GLN B 287 35.40 35.95 0.92
C GLN B 287 34.56 36.69 1.96
N ILE B 288 33.37 37.13 1.56
CA ILE B 288 32.49 37.89 2.49
C ILE B 288 32.10 37.06 3.72
N MET B 289 31.94 35.75 3.57
CA MET B 289 31.63 34.91 4.73
C MET B 289 32.82 34.79 5.65
N GLN B 290 34.01 34.61 5.07
CA GLN B 290 35.25 34.63 5.84
C GLN B 290 35.39 35.94 6.61
N ASP B 291 35.11 37.05 5.93
CA ASP B 291 35.21 38.40 6.51
C ASP B 291 34.21 38.68 7.62
N LEU B 292 32.98 38.21 7.45
CA LEU B 292 31.92 38.58 8.39
C LEU B 292 31.74 37.56 9.50
N VAL B 293 31.92 36.29 9.16
CA VAL B 293 31.65 35.20 10.10
C VAL B 293 32.90 34.85 10.90
N LYS B 294 34.08 35.10 10.32
CA LYS B 294 35.36 34.99 11.04
C LYS B 294 35.59 33.62 11.67
N ASP B 295 35.89 33.56 12.97
CA ASP B 295 36.27 32.27 13.56
C ASP B 295 35.11 31.28 13.75
N ARG B 296 33.87 31.77 13.56
CA ARG B 296 32.70 30.90 13.55
C ARG B 296 32.58 30.08 12.26
N LEU B 297 33.32 30.47 11.23
CA LEU B 297 33.34 29.70 9.98
C LEU B 297 34.55 28.75 10.01
N PRO B 298 34.29 27.42 9.96
CA PRO B 298 35.40 26.47 9.98
C PRO B 298 36.34 26.70 8.79
N LYS B 299 37.61 26.38 8.97
CA LYS B 299 38.57 26.51 7.89
C LYS B 299 38.90 25.13 7.34
N PHE B 300 38.78 24.99 6.02
CA PHE B 300 39.31 23.80 5.35
C PHE B 300 40.83 23.81 5.39
N THR B 301 41.44 22.66 5.70
CA THR B 301 42.88 22.53 5.47
C THR B 301 43.12 22.55 3.94
N PRO B 302 44.37 22.80 3.52
CA PRO B 302 44.64 22.72 2.08
C PRO B 302 44.21 21.38 1.49
N GLU B 303 44.47 20.29 2.20
CA GLU B 303 44.12 18.95 1.73
C GLU B 303 42.60 18.76 1.60
N GLN B 304 41.86 19.23 2.60
CA GLN B 304 40.39 19.13 2.56
C GLN B 304 39.84 19.98 1.43
N ALA B 305 40.37 21.20 1.28
CA ALA B 305 39.90 22.08 0.22
C ALA B 305 40.13 21.43 -1.15
N ARG B 306 41.25 20.75 -1.30
CA ARG B 306 41.56 20.07 -2.57
C ARG B 306 40.63 18.87 -2.80
N LEU B 307 40.17 18.26 -1.72
CA LEU B 307 39.22 17.14 -1.85
C LEU B 307 37.82 17.62 -2.25
N VAL B 308 37.43 18.76 -1.69
CA VAL B 308 36.12 19.32 -1.90
C VAL B 308 36.04 20.00 -3.29
N LYS B 309 37.08 20.76 -3.66
CA LYS B 309 37.13 21.38 -4.99
C LYS B 309 37.05 20.34 -6.11
N GLY B 310 36.13 20.55 -7.06
CA GLY B 310 35.99 19.65 -8.19
C GLY B 310 35.27 18.34 -7.87
N SER B 311 34.75 18.22 -6.64
CA SER B 311 34.09 16.96 -6.21
C SER B 311 32.62 16.78 -6.65
N ALA B 312 32.08 17.68 -7.46
CA ALA B 312 30.71 17.50 -7.99
C ALA B 312 30.77 17.45 -9.50
N ASP B 313 30.34 16.32 -10.06
CA ASP B 313 30.30 16.13 -11.52
C ASP B 313 29.26 17.02 -12.17
N TYR B 314 28.24 17.36 -11.40
CA TYR B 314 27.28 18.36 -11.85
C TYR B 314 26.68 18.99 -10.60
N ILE B 315 26.09 20.16 -10.78
CA ILE B 315 25.50 20.88 -9.65
C ILE B 315 24.02 20.82 -9.84
N GLY B 316 23.33 20.15 -8.92
CA GLY B 316 21.86 20.21 -8.93
C GLY B 316 21.40 21.51 -8.26
N ILE B 317 20.52 22.24 -8.94
CA ILE B 317 19.91 23.44 -8.36
C ILE B 317 18.40 23.28 -8.22
N ASN B 318 17.91 23.42 -6.99
CA ASN B 318 16.49 23.54 -6.70
C ASN B 318 16.16 25.03 -6.72
N GLN B 319 15.32 25.44 -7.67
CA GLN B 319 15.06 26.86 -7.92
C GLN B 319 13.55 27.07 -7.84
N TYR B 320 13.13 28.02 -6.99
CA TYR B 320 11.67 28.33 -6.87
C TYR B 320 11.28 29.78 -7.06
N THR B 321 12.04 30.67 -6.45
CA THR B 321 11.54 32.03 -6.22
C THR B 321 12.65 33.10 -6.21
N ALA B 322 12.26 34.34 -5.94
CA ALA B 322 13.17 35.48 -5.99
C ALA B 322 12.74 36.49 -4.96
N SER B 323 13.68 37.31 -4.47
CA SER B 323 13.41 38.31 -3.43
C SER B 323 14.17 39.56 -3.81
N TYR B 324 13.60 40.72 -3.50
CA TYR B 324 14.36 41.98 -3.55
C TYR B 324 15.18 42.09 -2.26
N MET B 325 16.38 42.67 -2.38
CA MET B 325 17.25 42.89 -1.23
C MET B 325 17.63 44.37 -1.12
N LYS B 326 17.59 44.87 0.11
CA LYS B 326 17.94 46.24 0.43
C LYS B 326 19.17 46.19 1.36
N GLY B 327 20.10 47.12 1.15
CA GLY B 327 21.33 47.12 1.90
C GLY B 327 21.35 48.10 3.05
N GLN B 328 22.54 48.26 3.61
CA GLN B 328 22.76 48.98 4.84
C GLN B 328 24.28 49.09 4.93
N GLN B 329 24.78 50.03 5.73
CA GLN B 329 26.21 50.11 5.95
C GLN B 329 26.58 48.89 6.79
N LEU B 330 27.61 48.14 6.39
CA LEU B 330 28.06 46.97 7.17
C LEU B 330 28.53 47.37 8.58
N MET B 331 28.04 46.68 9.59
CA MET B 331 28.25 47.05 11.00
C MET B 331 29.00 45.97 11.75
N GLN B 332 29.80 46.39 12.72
CA GLN B 332 30.31 45.47 13.74
C GLN B 332 29.13 45.11 14.64
N GLN B 333 28.89 43.81 14.82
CA GLN B 333 27.72 43.33 15.55
C GLN B 333 28.06 42.07 16.33
N THR B 334 27.50 41.95 17.53
CA THR B 334 27.60 40.71 18.32
C THR B 334 26.92 39.61 17.51
N PRO B 335 27.61 38.48 17.27
CA PRO B 335 26.98 37.44 16.44
C PRO B 335 25.71 36.89 17.09
N THR B 336 24.66 36.71 16.29
CA THR B 336 23.43 36.08 16.79
C THR B 336 22.99 34.85 15.98
N SER B 337 23.15 34.89 14.66
CA SER B 337 22.70 33.76 13.81
C SER B 337 23.27 33.84 12.40
N TYR B 338 23.32 32.69 11.73
CA TYR B 338 23.66 32.66 10.31
C TYR B 338 22.81 33.65 9.53
N SER B 339 21.51 33.69 9.82
CA SER B 339 20.57 34.58 9.13
C SER B 339 20.92 36.07 9.30
N ALA B 340 21.22 36.46 10.54
CA ALA B 340 21.60 37.84 10.83
C ALA B 340 22.98 38.20 10.29
N ASP B 341 23.83 37.19 10.09
CA ASP B 341 25.18 37.38 9.59
C ASP B 341 25.23 38.05 8.20
N TRP B 342 24.16 37.89 7.41
CA TRP B 342 24.14 38.42 6.03
C TRP B 342 24.09 39.96 6.01
N GLN B 343 23.51 40.56 7.05
CA GLN B 343 23.30 42.01 7.15
C GLN B 343 22.55 42.55 5.93
N VAL B 344 21.41 41.94 5.64
CA VAL B 344 20.58 42.36 4.51
C VAL B 344 19.17 42.55 5.01
N THR B 345 18.38 43.24 4.19
CA THR B 345 16.99 43.49 4.50
C THR B 345 16.13 43.01 3.34
N TYR B 346 15.24 42.05 3.60
CA TYR B 346 14.31 41.55 2.61
C TYR B 346 13.22 42.58 2.36
N VAL B 347 12.81 42.68 1.10
CA VAL B 347 11.78 43.61 0.66
C VAL B 347 10.98 42.84 -0.38
N PHE B 348 9.65 42.88 -0.31
CA PHE B 348 8.89 42.12 -1.32
C PHE B 348 8.16 42.92 -2.37
N ALA B 349 8.43 44.22 -2.43
CA ALA B 349 7.89 45.05 -3.50
C ALA B 349 8.92 46.05 -4.00
N LYS B 350 8.80 46.41 -5.28
CA LYS B 350 9.60 47.48 -5.86
C LYS B 350 8.66 48.34 -6.69
N ASN B 351 8.81 49.67 -6.57
CA ASN B 351 7.94 50.61 -7.32
C ASN B 351 6.44 50.35 -7.11
N GLY B 352 6.09 49.97 -5.89
CA GLY B 352 4.70 49.68 -5.51
C GLY B 352 4.09 48.39 -6.02
N LYS B 353 4.90 47.55 -6.67
CA LYS B 353 4.42 46.26 -7.21
C LYS B 353 5.11 45.12 -6.47
N PRO B 354 4.34 44.10 -6.05
CA PRO B 354 4.98 42.90 -5.49
C PRO B 354 5.86 42.25 -6.56
N ILE B 355 6.90 41.56 -6.13
CA ILE B 355 7.79 40.84 -7.05
C ILE B 355 7.04 39.79 -7.88
N GLY B 356 6.01 39.20 -7.28
CA GLY B 356 5.14 38.26 -7.96
C GLY B 356 4.01 37.88 -7.03
N PRO B 357 2.98 37.21 -7.56
CA PRO B 357 1.92 36.63 -6.71
C PRO B 357 2.45 35.39 -5.99
N GLN B 358 1.83 35.01 -4.87
CA GLN B 358 2.28 33.85 -4.14
C GLN B 358 1.50 32.59 -4.55
N ALA B 359 2.18 31.44 -4.52
CA ALA B 359 1.49 30.14 -4.62
C ALA B 359 0.90 29.84 -3.24
N ASN B 360 0.56 28.59 -2.95
CA ASN B 360 0.06 28.27 -1.60
C ASN B 360 1.11 28.51 -0.48
N SER B 361 2.36 28.11 -0.69
CA SER B 361 3.42 28.34 0.34
C SER B 361 3.78 29.83 0.37
N ASN B 362 3.80 30.41 1.56
CA ASN B 362 3.96 31.87 1.70
C ASN B 362 5.32 32.35 1.18
N TRP B 363 6.32 31.48 1.22
CA TRP B 363 7.67 31.82 0.72
C TRP B 363 7.78 31.77 -0.81
N LEU B 364 6.78 31.19 -1.47
CA LEU B 364 6.91 30.90 -2.88
C LEU B 364 6.27 31.96 -3.75
N TYR B 365 7.06 32.96 -4.13
CA TYR B 365 6.56 34.02 -5.01
C TYR B 365 6.85 33.57 -6.44
N ILE B 366 5.86 33.71 -7.30
CA ILE B 366 5.98 33.24 -8.67
C ILE B 366 6.72 34.32 -9.47
N VAL B 367 7.99 34.07 -9.73
CA VAL B 367 8.88 35.04 -10.37
C VAL B 367 9.72 34.30 -11.41
N PRO B 368 9.18 34.11 -12.62
CA PRO B 368 9.88 33.28 -13.60
C PRO B 368 11.30 33.80 -13.90
N TRP B 369 11.50 35.12 -13.90
CA TRP B 369 12.82 35.67 -14.22
C TRP B 369 13.88 35.33 -13.16
N GLY B 370 13.47 34.85 -11.99
CA GLY B 370 14.45 34.39 -10.98
C GLY B 370 15.19 33.16 -11.47
N MET B 371 14.51 32.34 -12.27
CA MET B 371 15.13 31.17 -12.87
C MET B 371 16.29 31.60 -13.79
N TYR B 372 16.02 32.57 -14.67
CA TYR B 372 17.09 33.13 -15.50
C TYR B 372 18.18 33.74 -14.62
N GLY B 373 17.79 34.56 -13.65
CA GLY B 373 18.75 35.20 -12.72
C GLY B 373 19.75 34.20 -12.14
N CYS B 374 19.22 33.13 -11.53
CA CYS B 374 20.06 32.09 -10.88
C CYS B 374 20.98 31.36 -11.86
N VAL B 375 20.44 30.97 -13.01
CA VAL B 375 21.20 30.16 -13.96
C VAL B 375 22.30 31.02 -14.61
N ASN B 376 21.92 32.22 -15.03
CA ASN B 376 22.90 33.16 -15.58
C ASN B 376 24.00 33.50 -14.58
N TYR B 377 23.62 33.68 -13.33
CA TYR B 377 24.60 34.03 -12.29
C TYR B 377 25.65 32.93 -12.07
N ILE B 378 25.19 31.69 -12.03
CA ILE B 378 26.11 30.56 -11.84
C ILE B 378 27.01 30.42 -13.07
N LYS B 379 26.43 30.59 -14.26
CA LYS B 379 27.20 30.55 -15.52
C LYS B 379 28.36 31.54 -15.48
N GLN B 380 28.04 32.79 -15.15
CA GLN B 380 29.02 33.90 -15.22
C GLN B 380 30.06 33.90 -14.09
N LYS B 381 29.66 33.43 -12.92
CA LYS B 381 30.53 33.54 -11.73
C LYS B 381 31.42 32.34 -11.50
N TYR B 382 30.91 31.16 -11.84
CA TYR B 382 31.57 29.89 -11.50
C TYR B 382 32.11 29.11 -12.68
N GLY B 383 32.37 29.80 -13.79
CA GLY B 383 32.98 29.16 -14.95
C GLY B 383 32.04 28.17 -15.66
N ASN B 384 30.73 28.46 -15.59
CA ASN B 384 29.72 27.68 -16.33
C ASN B 384 29.78 26.17 -16.06
N PRO B 385 29.65 25.77 -14.77
CA PRO B 385 29.68 24.35 -14.45
C PRO B 385 28.43 23.64 -15.01
N THR B 386 28.47 22.31 -15.13
CA THR B 386 27.28 21.60 -15.58
C THR B 386 26.24 21.70 -14.49
N VAL B 387 25.09 22.25 -14.85
CA VAL B 387 23.97 22.45 -13.92
C VAL B 387 22.78 21.57 -14.33
N VAL B 388 22.09 21.00 -13.34
CA VAL B 388 20.83 20.32 -13.60
C VAL B 388 19.83 21.00 -12.70
N ILE B 389 18.72 21.45 -13.28
CA ILE B 389 17.66 21.98 -12.42
C ILE B 389 16.97 20.76 -11.81
N THR B 390 17.19 20.56 -10.50
CA THR B 390 16.76 19.32 -9.86
C THR B 390 15.40 19.42 -9.14
N SER B 391 14.79 20.62 -9.12
CA SER B 391 13.41 20.81 -8.64
C SER B 391 12.98 22.22 -8.99
N ASN B 392 11.73 22.32 -9.43
CA ASN B 392 11.06 23.60 -9.72
C ASN B 392 9.56 23.27 -9.82
N GLY B 393 8.71 24.10 -9.21
CA GLY B 393 7.27 23.80 -9.18
C GLY B 393 6.58 24.71 -8.18
N MET B 394 5.29 24.51 -8.01
CA MET B 394 4.50 25.39 -7.15
C MET B 394 3.35 24.60 -6.59
N ASP B 395 2.73 25.12 -5.53
CA ASP B 395 1.72 24.35 -4.82
C ASP B 395 0.33 24.97 -4.79
N GLN B 396 -0.66 24.08 -4.75
CA GLN B 396 -2.06 24.39 -4.47
C GLN B 396 -2.38 24.20 -2.99
N PRO B 397 -3.42 24.89 -2.50
CA PRO B 397 -3.80 24.75 -1.10
C PRO B 397 -4.64 23.49 -0.85
N ALA B 398 -4.94 23.27 0.43
CA ALA B 398 -5.76 22.16 0.91
C ALA B 398 -7.21 22.38 0.55
N ASN B 399 -8.02 21.33 0.69
CA ASN B 399 -9.49 21.46 0.70
C ASN B 399 -10.15 21.79 -0.65
N LEU B 400 -9.42 21.68 -1.75
CA LEU B 400 -10.07 21.85 -3.07
C LEU B 400 -10.79 20.58 -3.48
N SER B 401 -11.70 20.70 -4.45
CA SER B 401 -12.35 19.53 -5.01
C SER B 401 -11.36 18.87 -5.94
N ARG B 402 -11.61 17.61 -6.29
CA ARG B 402 -10.75 16.93 -7.25
C ARG B 402 -10.65 17.77 -8.53
N ASP B 403 -11.79 18.19 -9.07
CA ASP B 403 -11.75 18.92 -10.34
C ASP B 403 -10.96 20.23 -10.27
N GLN B 404 -11.04 20.93 -9.12
CA GLN B 404 -10.23 22.12 -8.89
C GLN B 404 -8.72 21.82 -8.90
N TYR B 405 -8.34 20.70 -8.28
CA TYR B 405 -6.92 20.27 -8.30
C TYR B 405 -6.49 19.98 -9.73
N LEU B 406 -7.35 19.33 -10.50
CA LEU B 406 -7.00 18.93 -11.87
C LEU B 406 -6.87 20.11 -12.85
N ARG B 407 -7.66 21.16 -12.62
CA ARG B 407 -7.60 22.33 -13.51
C ARG B 407 -6.54 23.30 -13.04
N ASP B 408 -5.27 22.89 -13.06
CA ASP B 408 -4.21 23.63 -12.37
C ASP B 408 -3.58 24.63 -13.33
N THR B 409 -4.43 25.54 -13.79
CA THR B 409 -4.04 26.50 -14.81
C THR B 409 -2.87 27.40 -14.36
N THR B 410 -2.83 27.77 -13.06
CA THR B 410 -1.69 28.52 -12.53
C THR B 410 -0.37 27.76 -12.65
N ARG B 411 -0.41 26.46 -12.37
CA ARG B 411 0.82 25.63 -12.48
C ARG B 411 1.24 25.48 -13.95
N VAL B 412 0.26 25.33 -14.85
CA VAL B 412 0.58 25.31 -16.29
C VAL B 412 1.35 26.58 -16.69
N HIS B 413 0.80 27.73 -16.33
CA HIS B 413 1.44 29.03 -16.57
C HIS B 413 2.83 29.11 -15.91
N PHE B 414 2.92 28.60 -14.69
CA PHE B 414 4.20 28.55 -13.96
C PHE B 414 5.27 27.81 -14.77
N TYR B 415 4.98 26.58 -15.19
CA TYR B 415 6.00 25.82 -15.96
C TYR B 415 6.32 26.45 -17.29
N ARG B 416 5.31 26.94 -18.01
CA ARG B 416 5.58 27.59 -19.29
C ARG B 416 6.52 28.79 -19.14
N SER B 417 6.24 29.64 -18.16
CA SER B 417 7.03 30.85 -17.91
C SER B 417 8.43 30.52 -17.42
N TYR B 418 8.53 29.64 -16.41
CA TYR B 418 9.84 29.30 -15.86
C TYR B 418 10.72 28.57 -16.87
N LEU B 419 10.13 27.65 -17.62
CA LEU B 419 10.90 26.95 -18.67
C LEU B 419 11.31 27.89 -19.80
N THR B 420 10.46 28.88 -20.11
CA THR B 420 10.84 29.92 -21.09
C THR B 420 12.07 30.70 -20.63
N GLN B 421 12.12 31.03 -19.33
CA GLN B 421 13.27 31.73 -18.75
C GLN B 421 14.52 30.86 -18.68
N LEU B 422 14.34 29.58 -18.36
CA LEU B 422 15.46 28.64 -18.40
C LEU B 422 16.00 28.58 -19.82
N LYS B 423 15.11 28.40 -20.79
CA LYS B 423 15.49 28.35 -22.21
C LYS B 423 16.30 29.59 -22.62
N LYS B 424 15.86 30.77 -22.18
CA LYS B 424 16.60 32.02 -22.44
C LYS B 424 18.06 31.92 -21.93
N ALA B 425 18.24 31.45 -20.70
CA ALA B 425 19.60 31.27 -20.15
C ALA B 425 20.42 30.21 -20.90
N ILE B 426 19.78 29.09 -21.26
CA ILE B 426 20.46 28.07 -22.04
C ILE B 426 20.90 28.62 -23.42
N ASP B 427 19.99 29.34 -24.08
CA ASP B 427 20.27 29.89 -25.40
C ASP B 427 21.37 30.95 -25.35
N GLU B 428 21.66 31.49 -24.15
CA GLU B 428 22.78 32.41 -23.97
C GLU B 428 24.09 31.69 -23.58
N GLY B 429 24.03 30.37 -23.48
CA GLY B 429 25.25 29.57 -23.26
C GLY B 429 25.36 28.87 -21.92
N ALA B 430 24.34 28.95 -21.07
CA ALA B 430 24.42 28.27 -19.77
C ALA B 430 24.47 26.75 -19.94
N ASN B 431 25.38 26.10 -19.24
CA ASN B 431 25.54 24.64 -19.37
C ASN B 431 24.54 23.84 -18.53
N VAL B 432 23.27 23.95 -18.86
CA VAL B 432 22.24 23.20 -18.15
C VAL B 432 21.94 21.90 -18.91
N ALA B 433 22.03 20.77 -18.21
CA ALA B 433 21.94 19.44 -18.81
C ALA B 433 20.56 18.81 -18.65
N GLY B 434 19.75 19.35 -17.73
CA GLY B 434 18.47 18.73 -17.43
C GLY B 434 17.57 19.57 -16.54
N TYR B 435 16.31 19.14 -16.44
CA TYR B 435 15.28 19.85 -15.69
C TYR B 435 14.27 18.85 -15.12
N PHE B 436 13.99 19.00 -13.83
CA PHE B 436 13.16 18.05 -13.07
C PHE B 436 12.08 18.84 -12.35
N ALA B 437 10.81 18.46 -12.57
CA ALA B 437 9.68 19.14 -11.94
C ALA B 437 9.43 18.57 -10.54
N TRP B 438 9.38 19.44 -9.54
CA TRP B 438 8.89 19.02 -8.21
C TRP B 438 7.39 19.34 -8.19
N SER B 439 6.49 18.36 -8.11
CA SER B 439 6.79 16.94 -7.93
C SER B 439 5.96 16.14 -8.90
N LEU B 440 6.35 14.89 -9.15
CA LEU B 440 5.48 13.97 -9.86
C LEU B 440 4.09 13.91 -9.18
N LEU B 441 4.06 13.84 -7.84
CA LEU B 441 2.83 13.59 -7.07
C LEU B 441 2.66 14.63 -5.99
N ASP B 442 1.40 14.96 -5.66
CA ASP B 442 1.10 15.60 -4.38
C ASP B 442 1.66 14.66 -3.30
N ASN B 443 2.25 15.23 -2.25
CA ASN B 443 2.94 14.40 -1.29
C ASN B 443 3.01 15.05 0.08
N PHE B 444 3.83 14.49 0.97
CA PHE B 444 3.98 15.02 2.33
C PHE B 444 4.94 16.21 2.30
N GLU B 445 4.38 17.42 2.45
CA GLU B 445 5.17 18.65 2.35
C GLU B 445 5.67 19.10 3.73
N TRP B 446 6.45 18.24 4.36
CA TRP B 446 7.17 18.57 5.59
C TRP B 446 6.27 19.27 6.63
N LEU B 447 6.59 20.50 7.06
CA LEU B 447 5.75 21.14 8.11
C LEU B 447 4.28 21.32 7.72
N SER B 448 4.02 21.45 6.41
CA SER B 448 2.67 21.65 5.88
C SER B 448 1.90 20.34 5.74
N GLY B 449 2.56 19.22 6.00
CA GLY B 449 1.93 17.89 5.80
C GLY B 449 1.25 17.79 4.45
N TYR B 450 -0.01 17.36 4.44
CA TYR B 450 -0.75 17.16 3.17
C TYR B 450 -1.60 18.38 2.79
N THR B 451 -1.31 19.53 3.40
CA THR B 451 -2.06 20.78 3.12
C THR B 451 -1.50 21.56 1.92
N SER B 452 -0.36 21.09 1.39
CA SER B 452 0.32 21.73 0.26
C SER B 452 0.48 20.70 -0.85
N LYS B 453 -0.03 21.03 -2.04
CA LYS B 453 -0.08 20.10 -3.16
C LYS B 453 0.85 20.58 -4.30
N PHE B 454 2.02 19.98 -4.41
CA PHE B 454 3.03 20.33 -5.42
C PHE B 454 3.00 19.47 -6.71
N GLY B 455 2.15 18.44 -6.76
CA GLY B 455 2.28 17.45 -7.86
C GLY B 455 1.74 17.95 -9.19
N ILE B 456 2.30 17.42 -10.29
CA ILE B 456 1.63 17.51 -11.60
C ILE B 456 0.60 16.40 -11.68
N VAL B 457 0.70 15.42 -10.76
CA VAL B 457 -0.33 14.39 -10.61
C VAL B 457 -1.02 14.55 -9.25
N TYR B 458 -2.35 14.62 -9.28
CA TYR B 458 -3.15 14.71 -8.07
C TYR B 458 -3.19 13.37 -7.33
N VAL B 459 -3.00 13.40 -6.00
CA VAL B 459 -3.17 12.21 -5.21
C VAL B 459 -4.34 12.46 -4.26
N ASP B 460 -5.35 11.60 -4.34
CA ASP B 460 -6.48 11.67 -3.42
C ASP B 460 -5.98 11.00 -2.16
N PHE B 461 -5.81 11.75 -1.08
CA PHE B 461 -5.21 11.16 0.12
C PHE B 461 -6.13 10.26 0.97
N ASN B 462 -7.39 10.16 0.58
CA ASN B 462 -8.30 9.20 1.22
C ASN B 462 -8.22 7.82 0.56
N THR B 463 -8.17 7.81 -0.77
CA THR B 463 -8.21 6.57 -1.56
C THR B 463 -6.85 6.19 -2.12
N LEU B 464 -5.95 7.17 -2.14
CA LEU B 464 -4.59 7.08 -2.73
C LEU B 464 -4.56 7.00 -4.25
N GLU B 465 -5.71 7.20 -4.91
CA GLU B 465 -5.74 7.20 -6.37
C GLU B 465 -4.95 8.36 -6.97
N ARG B 466 -4.29 8.09 -8.10
CA ARG B 466 -3.61 9.14 -8.89
C ARG B 466 -4.48 9.64 -10.04
N HIS B 467 -4.45 10.94 -10.30
CA HIS B 467 -5.15 11.53 -11.47
C HIS B 467 -4.26 12.66 -12.03
N PRO B 468 -3.75 12.52 -13.27
CA PRO B 468 -2.93 13.57 -13.88
C PRO B 468 -3.68 14.91 -13.91
N LYS B 469 -3.01 15.99 -13.53
CA LYS B 469 -3.60 17.35 -13.62
C LYS B 469 -3.32 17.89 -15.02
N ALA B 470 -3.90 19.04 -15.35
CA ALA B 470 -3.62 19.69 -16.64
C ALA B 470 -2.13 19.88 -16.88
N SER B 471 -1.38 20.22 -15.83
CA SER B 471 0.07 20.39 -15.94
C SER B 471 0.83 19.12 -16.37
N ALA B 472 0.36 17.95 -15.93
CA ALA B 472 0.90 16.68 -16.41
C ALA B 472 0.67 16.55 -17.94
N TYR B 473 -0.53 16.89 -18.37
CA TYR B 473 -0.86 16.79 -19.80
C TYR B 473 -0.09 17.84 -20.60
N TRP B 474 0.15 18.99 -19.99
CA TRP B 474 1.02 19.99 -20.58
C TRP B 474 2.41 19.41 -20.86
N PHE B 475 3.02 18.78 -19.85
CA PHE B 475 4.32 18.13 -20.03
C PHE B 475 4.27 17.04 -21.10
N ARG B 476 3.23 16.22 -21.08
CA ARG B 476 3.11 15.15 -22.05
C ARG B 476 3.12 15.73 -23.46
N ASP B 477 2.35 16.79 -23.66
CA ASP B 477 2.34 17.49 -24.98
C ASP B 477 3.69 18.10 -25.32
N MET B 478 4.29 18.79 -24.34
CA MET B 478 5.55 19.50 -24.58
C MET B 478 6.69 18.53 -24.91
N LEU B 479 6.68 17.38 -24.23
CA LEU B 479 7.79 16.45 -24.29
C LEU B 479 7.64 15.34 -25.34
N LYS B 480 6.56 15.33 -26.12
CA LYS B 480 6.37 14.22 -27.07
C LYS B 480 7.57 14.11 -28.03
N HIS B 481 8.00 12.87 -28.29
CA HIS B 481 9.24 12.58 -29.04
C HIS B 481 9.05 12.66 -30.55
ZN ZN C . 0.30 -0.18 0.46
S SO4 D . -18.42 2.07 19.22
O1 SO4 D . -19.35 2.56 18.19
O2 SO4 D . -19.09 2.07 20.52
O3 SO4 D . -17.24 2.92 19.23
O4 SO4 D . -18.03 0.72 18.89
O1 MES E . -28.79 -36.14 23.36
C2 MES E . -29.25 -35.45 22.19
C3 MES E . -28.06 -35.14 21.24
N4 MES E . -27.10 -36.26 21.13
C5 MES E . -27.08 -37.42 22.07
C6 MES E . -28.26 -37.43 23.06
C7 MES E . -26.09 -36.12 20.06
C8 MES E . -25.64 -37.42 19.34
S MES E . -24.34 -37.17 18.26
O1S MES E . -23.64 -36.46 19.32
O2S MES E . -25.21 -36.51 17.28
O3S MES E . -24.01 -38.62 18.22
C1 GOL F . -15.43 -24.21 -1.13
O1 GOL F . -16.23 -23.17 -1.64
C2 GOL F . -13.96 -23.94 -1.41
O2 GOL F . -13.41 -23.04 -0.47
C3 GOL F . -13.82 -23.34 -2.80
O3 GOL F . -12.47 -22.97 -2.96
C1 GLF G . -14.76 -19.76 -1.10
C2 GLF G . -13.66 -19.41 -0.10
C3 GLF G . -12.69 -18.37 -0.68
C4 GLF G . -12.13 -18.87 -2.02
C5 GLF G . -13.33 -19.09 -2.97
C6 GLF G . -12.96 -19.58 -4.37
F1 GLF G . -15.64 -18.71 -1.22
O2 GLF G . -14.27 -18.92 1.09
O3 GLF G . -11.64 -18.22 0.28
O4 GLF G . -11.16 -17.97 -2.57
O5 GLF G . -14.20 -20.06 -2.37
O6 GLF G . -12.25 -20.83 -4.31
S SO4 H . 23.97 -5.54 -10.39
O1 SO4 H . 23.43 -5.05 -11.66
O2 SO4 H . 25.36 -5.94 -10.58
O3 SO4 H . 23.15 -6.65 -9.95
O4 SO4 H . 23.89 -4.45 -9.41
O1 MES I . 44.48 26.65 1.18
C2 MES I . 43.52 26.66 0.11
C3 MES I . 42.08 26.62 0.64
N4 MES I . 41.89 27.37 1.91
C5 MES I . 43.01 27.80 2.77
C6 MES I . 44.36 27.78 2.05
C7 MES I . 40.48 27.54 2.33
C8 MES I . 40.16 28.64 3.39
S MES I . 38.54 28.53 3.93
O1S MES I . 38.81 27.27 4.63
O2S MES I . 37.91 28.57 2.62
O3S MES I . 38.53 29.87 4.52
C1 GOL J . 13.86 26.32 -0.45
O1 GOL J . 13.45 27.29 -1.38
C2 GOL J . 13.43 24.91 -0.85
O2 GOL J . 13.94 24.61 -2.12
C3 GOL J . 11.90 24.78 -0.87
O3 GOL J . 11.39 23.98 0.18
C1 GLF K . 12.52 21.18 -2.48
C2 GLF K . 12.70 20.07 -1.43
C3 GLF K . 11.44 19.19 -1.34
C4 GLF K . 10.25 20.09 -1.00
C5 GLF K . 10.10 21.07 -2.16
C6 GLF K . 8.87 21.98 -2.02
F1 GLF K . 12.52 20.64 -3.73
O2 GLF K . 13.82 19.28 -1.84
O3 GLF K . 11.60 18.19 -0.33
O4 GLF K . 9.07 19.31 -0.87
O5 GLF K . 11.30 21.87 -2.25
O6 GLF K . 8.96 22.87 -0.89
#